data_3WPH
#
_entry.id   3WPH
#
_cell.length_a   136.410
_cell.length_b   130.100
_cell.length_c   71.330
_cell.angle_alpha   90.00
_cell.angle_beta   91.54
_cell.angle_gamma   90.00
#
_symmetry.space_group_name_H-M   'C 1 2 1'
#
loop_
_entity.id
_entity.type
_entity.pdbx_description
1 polymer 'Toll-like receptor 9'
2 polymer "DNA (5'-D(*CP*CP*TP*GP*GP*AP*TP*GP*GP*GP*AP*A)-3')"
3 non-polymer 2-acetamido-2-deoxy-beta-D-glucopyranose
4 non-polymer 'SULFATE ION'
5 water water
#
loop_
_entity_poly.entity_id
_entity_poly.type
_entity_poly.pdbx_seq_one_letter_code
_entity_poly.pdbx_strand_id
1 'polypeptide(L)'
;RSPWLGTLPAFLPCELKPHGLVDCNWLFLKSVPRFSAAASCSNITRLSLISNRIHHLHNSDFVHLSNLRQLNLKWNCPPT
GLSPLHFSCHMTIEPRTFLAMRTLEELNLSYNGITTVPRLPSSLVNLSLSHTNILVLDANSLAGLYSLRVLFMDGNCYYK
NPCTGAVKVTPGALLGLSQLTHLSLKYNNLTKVPRQLPPSLEYLLVSYNLIVKLGPEDLAQLTSLRVLDVGGNCRRCDHA
PNPCIECGQKSLHLHPETFHHLSHLEGLVLKDSSLHTLNSSWFQGLVQLSVLDLSENFLYESITHTNAFQNLTRLRKLNL
SFNYRKKVSFARLHLASSFKNLVSLQELNMNGIFFRLLNKYTLRWLADLPKLHTLHLQMNFINQAQLSIFGTFRALRFVD
LSDNRISGPSTLSEATPEEADDAEQEELLSADPHPAPLSTPASKNFMDRCKNFKFTMDLSRNNLVTIKPEMFVQLSRLQC
LSLSHNSIAQAVNGSQFLPLTNLQVLDLSHNKLDLYHWKSFSELPQLQALDLSYNSQPFSMKGIGHQFSFVTHLSMLQSL
SLAHNDIHTRVSSHLNSNSVRFLDFSGNGMGRMWDEGGLYLHFFQGLSGLLKLDLSQNNLHILRPQNLDNLPKSLKLLSL
RDNYLSFFNWTSLSFLPNLEVLDLAGNQLKALTQGTLPNGTLLQKLDVSSNSIVSVVPAFFALAVELKEVNLSHNILKTV
DRSWFGPIVMQLTVLDVRSNPLHCACGAAFVDLLLEVQTKVPGLANGVKCGSPGQLQGRSIFAQDLRLCLDEVLSWDEFL
VPR
;
A
2 'polydeoxyribonucleotide' (DC)(DC)(DT)(DG)(DG)(DA)(DT)(DG)(DG)(DG)(DA)(DA) B
#
loop_
_chem_comp.id
_chem_comp.type
_chem_comp.name
_chem_comp.formula
DA DNA linking 2'-DEOXYADENOSINE-5'-MONOPHOSPHATE 'C10 H14 N5 O6 P'
DC DNA linking 2'-DEOXYCYTIDINE-5'-MONOPHOSPHATE 'C9 H14 N3 O7 P'
DG DNA linking 2'-DEOXYGUANOSINE-5'-MONOPHOSPHATE 'C10 H14 N5 O7 P'
DT DNA linking THYMIDINE-5'-MONOPHOSPHATE 'C10 H15 N2 O8 P'
NAG D-saccharide, beta linking 2-acetamido-2-deoxy-beta-D-glucopyranose 'C8 H15 N O6'
SO4 non-polymer 'SULFATE ION' 'O4 S -2'
#
# COMPACT_ATOMS: atom_id res chain seq x y z
N THR A 7 14.50 -6.04 35.34
CA THR A 7 14.43 -6.73 34.06
C THR A 7 13.40 -6.11 33.12
N LEU A 8 12.23 -5.78 33.68
CA LEU A 8 11.07 -5.31 32.92
C LEU A 8 11.37 -4.18 31.94
N PRO A 9 10.56 -4.08 30.86
CA PRO A 9 10.60 -2.89 30.01
C PRO A 9 10.20 -1.66 30.82
N ALA A 10 10.89 -0.54 30.60
CA ALA A 10 10.73 0.63 31.45
C ALA A 10 9.43 1.40 31.18
N PHE A 11 8.79 1.11 30.05
CA PHE A 11 7.70 1.95 29.57
C PHE A 11 6.35 1.24 29.39
N LEU A 12 6.11 0.22 30.22
CA LEU A 12 4.78 -0.35 30.36
C LEU A 12 3.76 0.77 30.61
N PRO A 13 2.59 0.68 29.98
CA PRO A 13 2.18 -0.43 29.12
C PRO A 13 2.50 -0.15 27.64
N CYS A 14 3.51 0.66 27.37
CA CYS A 14 3.84 1.03 26.00
C CYS A 14 5.12 0.36 25.53
N GLU A 15 5.44 0.54 24.25
CA GLU A 15 6.62 -0.11 23.66
C GLU A 15 7.69 0.91 23.26
N LEU A 16 8.94 0.61 23.60
CA LEU A 16 10.06 1.51 23.32
C LEU A 16 10.72 1.15 21.99
N LYS A 17 10.68 2.09 21.05
CA LYS A 17 11.18 1.86 19.70
C LYS A 17 12.51 2.58 19.49
N GLY A 20 14.14 7.40 19.61
CA GLY A 20 13.71 7.76 20.95
C GLY A 20 12.20 7.76 21.08
N LEU A 21 11.54 6.92 20.28
CA LEU A 21 10.09 6.87 20.22
C LEU A 21 9.49 5.94 21.29
N VAL A 22 8.61 6.48 22.12
CA VAL A 22 7.77 5.63 22.97
C VAL A 22 6.40 5.46 22.31
N ASP A 23 6.11 4.23 21.89
CA ASP A 23 4.85 3.91 21.20
C ASP A 23 3.79 3.46 22.19
N CYS A 24 2.72 4.25 22.33
CA CYS A 24 1.61 3.89 23.19
C CYS A 24 0.32 3.81 22.40
N ASN A 25 0.45 3.52 21.11
CA ASN A 25 -0.69 3.50 20.20
C ASN A 25 -1.67 2.35 20.47
N TRP A 26 -2.97 2.66 20.35
CA TRP A 26 -4.04 1.67 20.48
C TRP A 26 -3.98 0.87 21.78
N LEU A 27 -3.96 1.57 22.91
CA LEU A 27 -3.88 0.89 24.21
C LEU A 27 -5.07 1.17 25.12
N PHE A 28 -6.12 1.79 24.57
CA PHE A 28 -7.33 2.12 25.34
C PHE A 28 -7.07 3.02 26.54
N LEU A 29 -5.95 3.74 26.52
CA LEU A 29 -5.61 4.63 27.63
C LEU A 29 -6.62 5.77 27.73
N LYS A 30 -7.01 6.10 28.96
CA LYS A 30 -7.92 7.22 29.21
C LYS A 30 -7.16 8.37 29.85
N SER A 31 -5.85 8.20 30.02
CA SER A 31 -5.01 9.26 30.59
C SER A 31 -3.59 9.09 30.08
N VAL A 32 -2.80 10.15 30.19
CA VAL A 32 -1.41 10.11 29.73
C VAL A 32 -0.57 9.31 30.72
N PRO A 33 0.14 8.29 30.23
CA PRO A 33 0.90 7.37 31.08
C PRO A 33 2.07 8.04 31.81
N ARG A 34 2.32 7.62 33.05
CA ARG A 34 3.35 8.23 33.90
C ARG A 34 4.62 7.39 33.93
N PHE A 35 4.48 6.12 33.54
CA PHE A 35 5.59 5.17 33.57
C PHE A 35 6.22 5.02 34.97
N ALA A 39 11.18 4.26 35.77
CA ALA A 39 12.57 4.61 35.53
C ALA A 39 12.76 6.11 35.53
N SER A 40 13.48 6.61 34.53
CA SER A 40 13.53 8.03 34.24
C SER A 40 12.88 8.26 32.89
N CYS A 41 12.01 9.26 32.81
CA CYS A 41 11.33 9.58 31.56
C CYS A 41 12.02 10.76 30.89
N SER A 42 13.16 11.15 31.44
CA SER A 42 13.87 12.35 31.01
C SER A 42 14.58 12.23 29.65
N ASN A 43 14.72 11.00 29.14
CA ASN A 43 15.43 10.79 27.88
C ASN A 43 14.53 10.55 26.68
N ILE A 44 13.21 10.45 26.93
CA ILE A 44 12.27 10.21 25.85
C ILE A 44 11.88 11.53 25.18
N THR A 45 11.80 11.51 23.85
CA THR A 45 11.62 12.74 23.08
C THR A 45 10.41 12.64 22.14
N ARG A 46 9.98 11.41 21.89
CA ARG A 46 8.84 11.17 21.01
C ARG A 46 7.79 10.33 21.73
N LEU A 47 6.53 10.74 21.64
CA LEU A 47 5.44 10.00 22.26
C LEU A 47 4.24 9.95 21.33
N SER A 48 3.81 8.73 21.02
CA SER A 48 2.66 8.50 20.15
C SER A 48 1.53 7.87 20.95
N LEU A 49 0.37 8.50 20.91
CA LEU A 49 -0.78 8.06 21.70
C LEU A 49 -2.01 7.96 20.80
N ILE A 50 -1.79 7.45 19.58
CA ILE A 50 -2.82 7.43 18.54
C ILE A 50 -3.97 6.48 18.86
N SER A 51 -5.20 6.98 18.72
CA SER A 51 -6.41 6.18 18.91
C SER A 51 -6.54 5.57 20.30
N ASN A 52 -6.14 6.31 21.32
CA ASN A 52 -6.51 5.93 22.67
C ASN A 52 -7.86 6.55 23.02
N ARG A 53 -8.12 6.72 24.32
CA ARG A 53 -9.41 7.18 24.80
C ARG A 53 -9.25 8.41 25.70
N ILE A 54 -8.16 9.13 25.54
CA ILE A 54 -7.88 10.30 26.37
C ILE A 54 -8.81 11.45 26.00
N HIS A 55 -9.73 11.80 26.89
CA HIS A 55 -10.72 12.82 26.61
C HIS A 55 -10.51 14.10 27.41
N HIS A 56 -9.53 14.07 28.31
CA HIS A 56 -9.25 15.22 29.14
C HIS A 56 -7.75 15.37 29.36
N LEU A 57 -7.24 16.57 29.14
CA LEU A 57 -5.82 16.84 29.35
C LEU A 57 -5.65 17.87 30.45
N HIS A 58 -4.54 17.78 31.19
CA HIS A 58 -4.42 18.54 32.42
C HIS A 58 -3.03 19.15 32.58
N ASN A 59 -2.97 20.23 33.35
CA ASN A 59 -1.75 21.00 33.59
C ASN A 59 -0.51 20.16 33.93
N SER A 60 -0.71 19.07 34.67
CA SER A 60 0.40 18.23 35.11
C SER A 60 0.61 16.94 34.30
N ASP A 61 -0.25 16.68 33.32
CA ASP A 61 -0.21 15.42 32.56
C ASP A 61 1.12 15.15 31.80
N PHE A 62 1.84 16.21 31.43
CA PHE A 62 3.07 16.08 30.67
C PHE A 62 4.30 16.61 31.41
N VAL A 63 4.14 16.83 32.72
CA VAL A 63 5.21 17.41 33.55
C VAL A 63 6.45 16.50 33.61
N HIS A 64 6.23 15.19 33.57
CA HIS A 64 7.30 14.21 33.62
C HIS A 64 7.95 14.01 32.24
N LEU A 65 7.35 14.60 31.22
CA LEU A 65 7.85 14.48 29.85
C LEU A 65 8.31 15.84 29.31
N SER A 66 9.03 16.59 30.15
CA SER A 66 9.43 17.96 29.82
C SER A 66 10.30 18.09 28.56
N ASN A 67 10.90 16.98 28.12
CA ASN A 67 11.80 17.02 26.97
C ASN A 67 11.19 16.53 25.67
N LEU A 68 9.88 16.38 25.64
CA LEU A 68 9.20 15.93 24.42
C LEU A 68 9.40 16.87 23.24
N ARG A 69 9.83 16.30 22.11
CA ARG A 69 9.94 17.06 20.87
C ARG A 69 8.73 16.77 19.99
N GLN A 70 8.22 15.54 20.11
CA GLN A 70 7.18 15.08 19.21
C GLN A 70 6.07 14.40 20.00
N LEU A 71 4.84 14.86 19.78
CA LEU A 71 3.69 14.34 20.52
C LEU A 71 2.52 14.16 19.56
N ASN A 72 2.02 12.92 19.47
CA ASN A 72 0.90 12.62 18.60
C ASN A 72 -0.32 12.14 19.42
N LEU A 73 -1.39 12.94 19.39
CA LEU A 73 -2.59 12.64 20.17
C LEU A 73 -3.80 12.40 19.26
N LYS A 74 -3.54 12.08 18.00
CA LYS A 74 -4.56 11.83 17.00
C LYS A 74 -5.57 10.74 17.41
N TRP A 75 -6.86 11.05 17.26
CA TRP A 75 -7.98 10.09 17.40
C TRP A 75 -8.29 9.69 18.85
N ASN A 76 -8.13 10.62 19.78
CA ASN A 76 -8.43 10.31 21.18
C ASN A 76 -9.86 10.67 21.54
N CYS A 77 -10.40 11.68 20.87
CA CYS A 77 -11.72 12.21 21.21
C CYS A 77 -12.42 12.69 19.95
N PRO A 78 -12.86 11.74 19.12
CA PRO A 78 -13.34 12.06 17.78
C PRO A 78 -14.74 12.63 17.81
N PRO A 79 -14.99 13.77 17.12
CA PRO A 79 -16.38 14.22 16.90
C PRO A 79 -17.14 13.23 16.03
N THR A 80 -18.44 13.43 15.88
CA THR A 80 -19.26 12.52 15.08
C THR A 80 -18.83 12.50 13.60
N GLY A 81 -18.59 11.30 13.07
CA GLY A 81 -18.78 10.07 13.82
C GLY A 81 -17.67 9.05 13.60
N SER A 88 -20.61 11.60 19.64
CA SER A 88 -19.72 12.75 19.74
C SER A 88 -18.67 12.55 20.83
N CYS A 89 -17.82 13.55 21.00
CA CYS A 89 -16.80 13.55 22.03
C CYS A 89 -16.19 14.93 22.12
N HIS A 90 -16.23 15.54 23.31
CA HIS A 90 -15.58 16.82 23.50
C HIS A 90 -14.38 16.70 24.44
N MET A 91 -13.23 17.15 23.96
CA MET A 91 -11.99 17.08 24.74
C MET A 91 -11.77 18.39 25.48
N THR A 92 -11.42 18.30 26.76
CA THR A 92 -11.09 19.49 27.54
C THR A 92 -9.58 19.54 27.78
N ILE A 93 -9.02 20.74 27.68
CA ILE A 93 -7.59 20.94 27.79
C ILE A 93 -7.30 22.13 28.73
N GLU A 94 -6.62 21.85 29.83
CA GLU A 94 -6.23 22.91 30.75
C GLU A 94 -5.22 23.86 30.07
N PRO A 95 -5.27 25.14 30.44
CA PRO A 95 -4.45 26.21 29.87
C PRO A 95 -2.94 25.92 29.81
N ARG A 96 -2.40 25.21 30.81
CA ARG A 96 -0.95 24.99 30.88
C ARG A 96 -0.45 23.60 30.44
N THR A 97 -1.32 22.73 29.94
CA THR A 97 -0.92 21.33 29.66
C THR A 97 0.35 21.24 28.80
N PHE A 98 0.33 21.89 27.63
CA PHE A 98 1.44 21.77 26.70
C PHE A 98 2.63 22.66 27.05
N LEU A 99 2.42 23.68 27.89
CA LEU A 99 3.49 24.59 28.26
C LEU A 99 4.64 23.90 29.01
N ALA A 100 4.33 22.79 29.67
CA ALA A 100 5.35 22.02 30.37
C ALA A 100 6.50 21.59 29.44
N MET A 101 6.18 21.45 28.15
CA MET A 101 7.18 21.01 27.18
C MET A 101 7.70 22.20 26.35
N ARG A 102 8.77 22.83 26.84
CA ARG A 102 9.30 24.07 26.28
C ARG A 102 10.11 23.87 25.00
N THR A 103 10.25 22.62 24.58
CA THR A 103 11.01 22.31 23.37
C THR A 103 10.17 21.43 22.45
N LEU A 104 8.85 21.47 22.64
CA LEU A 104 7.95 20.70 21.80
C LEU A 104 8.01 21.23 20.36
N GLU A 105 8.21 20.33 19.41
CA GLU A 105 8.40 20.75 18.03
C GLU A 105 7.26 20.30 17.14
N GLU A 106 6.77 19.08 17.36
CA GLU A 106 5.71 18.53 16.55
C GLU A 106 4.53 18.10 17.41
N LEU A 107 3.34 18.45 16.97
CA LEU A 107 2.14 18.12 17.73
C LEU A 107 0.99 17.82 16.79
N ASN A 108 0.36 16.66 16.99
CA ASN A 108 -0.77 16.26 16.18
C ASN A 108 -2.02 16.16 17.08
N LEU A 109 -2.96 17.07 16.90
CA LEU A 109 -4.18 17.09 17.71
C LEU A 109 -5.38 16.69 16.87
N SER A 110 -5.12 16.13 15.70
CA SER A 110 -6.18 15.81 14.74
C SER A 110 -7.16 14.78 15.29
N TYR A 111 -8.39 14.84 14.80
CA TYR A 111 -9.44 13.92 15.21
C TYR A 111 -9.69 13.99 16.73
N ASN A 112 -9.77 15.22 17.22
CA ASN A 112 -10.13 15.48 18.61
C ASN A 112 -11.21 16.57 18.72
N GLY A 113 -12.15 16.37 19.64
CA GLY A 113 -13.25 17.31 19.82
C GLY A 113 -12.92 18.56 20.59
N ILE A 114 -11.94 19.34 20.09
CA ILE A 114 -11.63 20.64 20.68
C ILE A 114 -12.20 21.78 19.84
N THR A 115 -12.49 22.89 20.52
CA THR A 115 -13.23 24.00 19.94
C THR A 115 -12.35 25.26 19.88
N THR A 116 -11.26 25.24 20.63
CA THR A 116 -10.27 26.31 20.61
C THR A 116 -8.90 25.66 20.64
N VAL A 117 -7.90 26.33 20.07
CA VAL A 117 -6.55 25.80 20.09
C VAL A 117 -5.92 26.07 21.46
N PRO A 118 -5.36 25.02 22.08
CA PRO A 118 -4.76 25.16 23.41
C PRO A 118 -3.58 26.10 23.40
N ARG A 119 -3.19 26.61 24.56
CA ARG A 119 -1.97 27.41 24.63
C ARG A 119 -0.76 26.53 24.30
N LEU A 120 0.11 27.03 23.44
CA LEU A 120 1.23 26.25 22.92
C LEU A 120 2.57 26.96 23.13
N PRO A 121 3.64 26.18 23.29
CA PRO A 121 4.99 26.74 23.47
C PRO A 121 5.56 27.22 22.13
N SER A 122 6.43 28.22 22.17
CA SER A 122 6.95 28.86 20.97
C SER A 122 7.96 28.01 20.20
N SER A 123 8.39 26.92 20.83
CA SER A 123 9.33 26.01 20.21
C SER A 123 8.67 25.26 19.06
N LEU A 124 7.34 25.24 19.07
CA LEU A 124 6.56 24.45 18.12
C LEU A 124 6.82 24.81 16.66
N VAL A 125 6.93 23.79 15.81
CA VAL A 125 7.31 23.92 14.41
C VAL A 125 6.26 23.32 13.47
N ASN A 126 5.77 22.15 13.84
CA ASN A 126 4.70 21.50 13.11
C ASN A 126 3.47 21.33 13.98
N LEU A 127 2.31 21.68 13.45
CA LEU A 127 1.06 21.52 14.20
C LEU A 127 -0.07 21.02 13.30
N SER A 128 -0.86 20.09 13.83
CA SER A 128 -2.03 19.60 13.11
C SER A 128 -3.28 19.75 13.96
N LEU A 129 -4.28 20.42 13.39
CA LEU A 129 -5.54 20.66 14.07
C LEU A 129 -6.66 20.17 13.17
N SER A 130 -6.30 19.32 12.22
CA SER A 130 -7.27 18.80 11.25
C SER A 130 -8.36 17.99 11.93
N HIS A 131 -9.57 18.04 11.38
CA HIS A 131 -10.68 17.24 11.86
C HIS A 131 -10.96 17.46 13.34
N THR A 132 -11.05 18.72 13.74
CA THR A 132 -11.41 19.07 15.09
C THR A 132 -12.71 19.87 15.03
N ASN A 133 -12.98 20.69 16.05
CA ASN A 133 -14.16 21.54 16.06
C ASN A 133 -13.80 23.02 16.23
N ILE A 134 -12.55 23.34 15.90
CA ILE A 134 -12.09 24.72 15.94
C ILE A 134 -12.64 25.47 14.73
N LEU A 135 -13.56 26.40 14.98
CA LEU A 135 -14.26 27.08 13.89
C LEU A 135 -13.76 28.50 13.63
N VAL A 136 -12.94 29.01 14.55
CA VAL A 136 -12.30 30.31 14.32
C VAL A 136 -10.80 30.25 14.57
N LEU A 137 -10.05 30.79 13.63
CA LEU A 137 -8.63 31.06 13.84
C LEU A 137 -8.43 32.57 13.90
N ASP A 138 -8.00 33.06 15.06
CA ASP A 138 -7.62 34.46 15.19
C ASP A 138 -6.15 34.57 15.58
N ALA A 139 -5.66 35.80 15.73
CA ALA A 139 -4.27 36.02 16.13
C ALA A 139 -3.99 35.46 17.52
N ASN A 140 -5.03 35.35 18.33
CA ASN A 140 -4.88 34.83 19.69
C ASN A 140 -4.83 33.30 19.70
N SER A 141 -5.48 32.70 18.70
CA SER A 141 -5.48 31.24 18.53
C SER A 141 -4.07 30.67 18.47
N LEU A 142 -3.19 31.36 17.73
CA LEU A 142 -1.86 30.86 17.45
C LEU A 142 -0.77 31.75 18.04
N ALA A 143 -1.12 32.44 19.12
CA ALA A 143 -0.22 33.39 19.76
C ALA A 143 1.14 32.78 20.09
N GLY A 144 2.21 33.48 19.71
CA GLY A 144 3.56 33.05 20.00
C GLY A 144 4.20 32.00 19.12
N LEU A 145 3.45 31.49 18.15
CA LEU A 145 3.97 30.46 17.24
C LEU A 145 4.75 31.07 16.07
N TYR A 146 5.79 31.85 16.37
CA TYR A 146 6.57 32.54 15.36
C TYR A 146 7.59 31.63 14.67
N SER A 147 7.70 30.38 15.12
CA SER A 147 8.60 29.43 14.49
C SER A 147 7.81 28.36 13.75
N LEU A 148 6.50 28.53 13.71
CA LEU A 148 5.62 27.60 13.00
C LEU A 148 5.95 27.56 11.51
N ARG A 149 6.22 26.38 11.00
CA ARG A 149 6.52 26.19 9.58
C ARG A 149 5.33 25.49 8.92
N VAL A 150 4.69 24.61 9.68
CA VAL A 150 3.61 23.79 9.14
C VAL A 150 2.35 23.90 10.00
N LEU A 151 1.24 24.21 9.34
CA LEU A 151 -0.07 24.22 10.00
C LEU A 151 -1.11 23.55 9.11
N PHE A 152 -1.67 22.45 9.59
CA PHE A 152 -2.76 21.78 8.89
C PHE A 152 -4.05 21.92 9.70
N MET A 153 -5.12 22.34 9.05
CA MET A 153 -6.44 22.30 9.68
C MET A 153 -7.49 22.02 8.63
N ASP A 154 -7.60 20.77 8.23
CA ASP A 154 -8.60 20.35 7.25
C ASP A 154 -9.75 19.66 7.98
N GLY A 155 -10.95 19.75 7.40
CA GLY A 155 -12.07 18.93 7.84
C GLY A 155 -12.76 19.33 9.14
N ASN A 156 -13.02 20.63 9.28
CA ASN A 156 -13.70 21.14 10.46
C ASN A 156 -15.13 21.63 10.18
N CYS A 157 -15.48 21.75 8.90
CA CYS A 157 -16.85 22.10 8.52
C CYS A 157 -17.20 21.49 7.16
N TYR A 158 -17.45 20.18 7.16
CA TYR A 158 -17.86 19.48 5.94
C TYR A 158 -18.72 18.28 6.31
N TYR A 159 -19.22 17.56 5.32
CA TYR A 159 -20.27 16.56 5.54
C TYR A 159 -19.94 15.43 6.54
N LYS A 160 -18.66 15.19 6.80
CA LYS A 160 -18.25 14.15 7.72
C LYS A 160 -17.91 14.70 9.11
N ASN A 161 -17.76 16.03 9.18
CA ASN A 161 -17.55 16.73 10.44
C ASN A 161 -18.26 18.08 10.33
N PRO A 162 -19.59 18.04 10.35
CA PRO A 162 -20.39 19.21 9.98
C PRO A 162 -20.30 20.38 10.96
N CYS A 163 -20.65 21.56 10.47
CA CYS A 163 -20.74 22.77 11.28
C CYS A 163 -21.79 23.66 10.64
N THR A 164 -22.34 24.57 11.43
CA THR A 164 -23.20 25.62 10.90
C THR A 164 -22.32 26.80 10.52
N GLY A 165 -22.55 27.35 9.33
CA GLY A 165 -21.72 28.44 8.83
C GLY A 165 -20.44 27.91 8.22
N ALA A 166 -19.31 28.47 8.62
CA ALA A 166 -18.02 28.05 8.08
C ALA A 166 -16.91 28.31 9.06
N VAL A 167 -15.74 27.70 8.82
CA VAL A 167 -14.57 28.07 9.59
C VAL A 167 -14.24 29.51 9.25
N LYS A 168 -13.83 30.28 10.26
CA LYS A 168 -13.47 31.67 10.04
C LYS A 168 -12.00 31.85 10.33
N VAL A 169 -11.24 32.31 9.35
CA VAL A 169 -9.85 32.69 9.55
C VAL A 169 -9.75 34.19 9.32
N THR A 170 -9.56 34.93 10.40
CA THR A 170 -9.60 36.40 10.39
C THR A 170 -8.39 37.02 9.66
N PRO A 171 -8.61 38.17 9.00
CA PRO A 171 -7.53 38.84 8.25
C PRO A 171 -6.27 39.07 9.08
N GLY A 172 -5.13 38.59 8.59
CA GLY A 172 -3.87 38.75 9.29
C GLY A 172 -3.65 37.86 10.51
N ALA A 173 -4.58 36.95 10.78
CA ALA A 173 -4.47 36.08 11.95
C ALA A 173 -3.15 35.30 11.97
N LEU A 174 -2.67 34.95 10.78
CA LEU A 174 -1.49 34.09 10.67
C LEU A 174 -0.22 34.89 10.37
N LEU A 175 -0.35 36.22 10.27
CA LEU A 175 0.78 37.08 9.95
C LEU A 175 1.94 36.93 10.93
N GLY A 176 1.62 36.58 12.17
CA GLY A 176 2.65 36.36 13.18
C GLY A 176 3.45 35.10 12.89
N LEU A 177 2.95 34.27 11.99
CA LEU A 177 3.66 33.05 11.60
C LEU A 177 4.62 33.37 10.46
N SER A 178 5.70 34.09 10.78
CA SER A 178 6.61 34.62 9.76
C SER A 178 7.46 33.54 9.08
N GLN A 179 7.45 32.34 9.63
CA GLN A 179 8.23 31.23 9.09
C GLN A 179 7.35 30.16 8.47
N LEU A 180 6.07 30.48 8.28
CA LEU A 180 5.09 29.51 7.79
C LEU A 180 5.28 29.18 6.32
N THR A 181 5.51 27.90 6.03
CA THR A 181 5.71 27.44 4.65
C THR A 181 4.53 26.60 4.16
N HIS A 182 3.87 25.92 5.10
CA HIS A 182 2.79 25.02 4.75
C HIS A 182 1.50 25.37 5.46
N LEU A 183 0.42 25.51 4.69
CA LEU A 183 -0.90 25.80 5.25
C LEU A 183 -1.94 25.02 4.49
N SER A 184 -2.74 24.25 5.22
CA SER A 184 -3.81 23.48 4.60
C SER A 184 -5.11 23.74 5.35
N LEU A 185 -6.14 24.15 4.60
CA LEU A 185 -7.42 24.53 5.20
C LEU A 185 -8.52 23.98 4.30
N LYS A 186 -8.51 22.66 4.13
CA LYS A 186 -9.49 21.99 3.28
C LYS A 186 -10.76 21.66 4.06
N TYR A 187 -11.86 21.50 3.33
CA TYR A 187 -13.12 21.01 3.91
C TYR A 187 -13.60 21.86 5.06
N ASN A 188 -13.72 23.16 4.83
CA ASN A 188 -14.04 24.09 5.90
C ASN A 188 -15.17 25.06 5.54
N ASN A 189 -15.83 24.82 4.41
CA ASN A 189 -16.90 25.67 3.90
C ASN A 189 -16.46 27.11 3.66
N LEU A 190 -15.16 27.31 3.45
CA LEU A 190 -14.62 28.64 3.15
C LEU A 190 -15.19 29.20 1.85
N THR A 191 -15.56 30.48 1.85
CA THR A 191 -16.09 31.12 0.66
C THR A 191 -15.02 31.95 -0.06
N LYS A 192 -13.98 32.34 0.68
CA LYS A 192 -12.90 33.14 0.13
C LYS A 192 -11.57 32.65 0.67
N VAL A 193 -10.49 32.94 -0.04
CA VAL A 193 -9.15 32.72 0.49
C VAL A 193 -8.98 33.67 1.67
N PRO A 194 -8.44 33.15 2.79
CA PRO A 194 -8.13 34.00 3.95
C PRO A 194 -7.23 35.17 3.55
N ARG A 195 -7.52 36.36 4.07
CA ARG A 195 -6.79 37.56 3.67
C ARG A 195 -5.49 37.76 4.45
N GLN A 196 -4.54 38.46 3.83
CA GLN A 196 -3.26 38.77 4.45
C GLN A 196 -2.60 37.55 5.09
N LEU A 197 -2.38 36.52 4.29
CA LEU A 197 -1.68 35.32 4.71
C LEU A 197 -0.18 35.59 4.71
N PRO A 198 0.57 34.87 5.56
CA PRO A 198 2.02 35.11 5.64
C PRO A 198 2.74 34.89 4.31
N PRO A 199 3.46 35.92 3.83
CA PRO A 199 4.14 35.89 2.53
C PRO A 199 5.16 34.76 2.40
N SER A 200 5.52 34.14 3.52
CA SER A 200 6.51 33.07 3.52
C SER A 200 5.98 31.74 2.96
N LEU A 201 4.70 31.71 2.59
CA LEU A 201 4.04 30.47 2.19
C LEU A 201 4.59 29.86 0.91
N GLU A 202 4.77 28.53 0.93
CA GLU A 202 5.27 27.80 -0.23
C GLU A 202 4.23 26.76 -0.64
N TYR A 203 3.38 26.40 0.32
CA TYR A 203 2.33 25.42 0.13
C TYR A 203 1.02 25.97 0.69
N LEU A 204 0.01 26.07 -0.16
CA LEU A 204 -1.31 26.50 0.28
C LEU A 204 -2.39 25.59 -0.28
N LEU A 205 -3.06 24.86 0.61
CA LEU A 205 -4.12 23.96 0.20
C LEU A 205 -5.45 24.48 0.74
N VAL A 206 -6.33 24.88 -0.19
CA VAL A 206 -7.61 25.45 0.16
C VAL A 206 -8.69 24.75 -0.65
N SER A 207 -8.42 23.52 -1.03
CA SER A 207 -9.37 22.77 -1.85
C SER A 207 -10.59 22.33 -1.08
N TYR A 208 -11.65 22.03 -1.82
CA TYR A 208 -12.88 21.46 -1.27
C TYR A 208 -13.54 22.35 -0.22
N ASN A 209 -13.57 23.64 -0.54
CA ASN A 209 -14.37 24.60 0.18
C ASN A 209 -15.47 25.10 -0.76
N LEU A 210 -15.80 26.38 -0.66
CA LEU A 210 -16.82 26.97 -1.54
C LEU A 210 -16.31 28.25 -2.18
N ILE A 211 -14.99 28.35 -2.32
CA ILE A 211 -14.36 29.50 -2.97
C ILE A 211 -14.66 29.49 -4.47
N VAL A 212 -15.79 30.09 -4.85
CA VAL A 212 -16.29 30.03 -6.22
C VAL A 212 -15.64 31.07 -7.15
N LYS A 213 -14.82 31.95 -6.58
CA LYS A 213 -14.17 33.00 -7.36
C LYS A 213 -12.73 33.25 -6.95
N LEU A 214 -11.83 33.35 -7.92
CA LEU A 214 -10.43 33.66 -7.66
C LEU A 214 -9.91 34.81 -8.50
N GLY A 215 -9.19 35.72 -7.86
CA GLY A 215 -8.47 36.78 -8.53
C GLY A 215 -7.06 36.89 -7.97
N PRO A 216 -6.20 37.69 -8.61
CA PRO A 216 -4.82 37.94 -8.18
C PRO A 216 -4.76 38.47 -6.74
N GLU A 217 -5.85 39.11 -6.31
CA GLU A 217 -5.95 39.69 -4.98
C GLU A 217 -6.02 38.64 -3.86
N ASP A 218 -6.61 37.49 -4.16
CA ASP A 218 -6.75 36.42 -3.18
C ASP A 218 -5.39 35.80 -2.91
N LEU A 219 -4.46 36.01 -3.83
CA LEU A 219 -3.13 35.43 -3.75
C LEU A 219 -2.08 36.54 -3.58
N ALA A 220 -2.53 37.70 -3.10
CA ALA A 220 -1.69 38.87 -2.89
C ALA A 220 -0.52 38.59 -1.94
N GLN A 221 0.70 38.90 -2.41
CA GLN A 221 1.95 38.65 -1.68
C GLN A 221 2.34 37.19 -1.52
N LEU A 222 1.64 36.30 -2.20
CA LEU A 222 1.99 34.89 -2.12
C LEU A 222 3.06 34.56 -3.16
N THR A 223 4.18 35.27 -3.10
CA THR A 223 5.22 35.16 -4.15
C THR A 223 6.27 34.09 -3.87
N SER A 224 6.14 33.35 -2.77
CA SER A 224 7.06 32.26 -2.45
C SER A 224 6.38 30.91 -2.64
N LEU A 225 5.18 30.94 -3.22
CA LEU A 225 4.41 29.73 -3.45
C LEU A 225 5.06 28.78 -4.45
N ARG A 226 5.11 27.50 -4.09
CA ARG A 226 5.59 26.47 -4.99
C ARG A 226 4.42 25.56 -5.36
N VAL A 227 3.44 25.45 -4.48
CA VAL A 227 2.25 24.66 -4.79
C VAL A 227 0.95 25.26 -4.27
N LEU A 228 -0.06 25.27 -5.14
CA LEU A 228 -1.35 25.83 -4.82
C LEU A 228 -2.42 24.86 -5.24
N ASP A 229 -3.32 24.53 -4.31
CA ASP A 229 -4.38 23.58 -4.58
C ASP A 229 -5.71 24.27 -4.29
N VAL A 230 -6.40 24.70 -5.35
CA VAL A 230 -7.67 25.39 -5.21
C VAL A 230 -8.80 24.55 -5.80
N GLY A 231 -8.60 23.24 -5.81
CA GLY A 231 -9.55 22.32 -6.43
C GLY A 231 -10.82 22.07 -5.65
N GLY A 232 -11.80 21.46 -6.31
CA GLY A 232 -13.03 21.04 -5.65
C GLY A 232 -13.86 22.17 -5.06
N ASN A 233 -13.64 23.39 -5.54
CA ASN A 233 -14.36 24.55 -5.02
C ASN A 233 -15.61 24.89 -5.83
N CYS A 234 -15.73 24.27 -7.01
CA CYS A 234 -16.94 24.36 -7.80
C CYS A 234 -17.18 22.99 -8.41
N ARG A 235 -17.90 22.16 -7.67
CA ARG A 235 -17.96 20.74 -8.00
C ARG A 235 -19.21 20.38 -8.79
N ARG A 236 -18.98 19.79 -9.96
CA ARG A 236 -20.01 18.98 -10.55
C ARG A 236 -20.20 17.85 -9.55
N CYS A 237 -21.45 17.53 -9.25
CA CYS A 237 -21.72 16.43 -8.32
C CYS A 237 -22.51 15.35 -9.04
N ASP A 238 -22.21 15.17 -10.32
CA ASP A 238 -22.86 14.12 -11.11
C ASP A 238 -22.29 12.74 -10.76
N HIS A 239 -23.18 11.83 -10.40
CA HIS A 239 -22.79 10.51 -9.90
C HIS A 239 -21.86 10.61 -8.69
N ALA A 240 -22.25 11.44 -7.73
CA ALA A 240 -21.51 11.61 -6.49
C ALA A 240 -21.93 10.55 -5.46
N PRO A 241 -20.98 9.68 -5.07
CA PRO A 241 -21.20 8.58 -4.13
C PRO A 241 -21.48 9.09 -2.72
N ASN A 242 -20.95 10.25 -2.40
CA ASN A 242 -21.12 10.86 -1.08
C ASN A 242 -21.70 12.25 -1.22
N PRO A 243 -22.35 12.77 -0.15
CA PRO A 243 -22.91 14.13 -0.15
C PRO A 243 -21.95 15.14 -0.78
N CYS A 244 -22.45 15.92 -1.73
CA CYS A 244 -21.61 16.85 -2.48
C CYS A 244 -22.36 18.15 -2.74
N ILE A 245 -21.70 19.28 -2.46
CA ILE A 245 -22.29 20.59 -2.72
C ILE A 245 -22.02 21.02 -4.16
N GLU A 246 -23.06 21.00 -4.98
CA GLU A 246 -22.94 21.43 -6.37
C GLU A 246 -22.74 22.93 -6.45
N CYS A 247 -21.85 23.36 -7.34
CA CYS A 247 -21.54 24.77 -7.50
C CYS A 247 -22.76 25.54 -8.01
N GLY A 248 -23.02 26.69 -7.39
CA GLY A 248 -24.08 27.56 -7.86
C GLY A 248 -23.79 28.07 -9.26
N GLN A 249 -22.51 28.27 -9.54
CA GLN A 249 -22.07 28.75 -10.84
C GLN A 249 -22.00 27.58 -11.84
N LYS A 250 -21.70 27.90 -13.09
CA LYS A 250 -21.50 26.87 -14.10
C LYS A 250 -20.04 26.45 -14.08
N SER A 251 -19.21 27.32 -13.53
CA SER A 251 -17.78 27.10 -13.52
C SER A 251 -17.12 27.91 -12.42
N LEU A 252 -15.94 27.47 -12.01
CA LEU A 252 -15.06 28.31 -11.20
C LEU A 252 -14.84 29.57 -12.01
N HIS A 253 -14.89 30.72 -11.34
CA HIS A 253 -14.56 31.99 -12.00
C HIS A 253 -13.11 32.33 -11.74
N LEU A 254 -12.27 32.16 -12.77
CA LEU A 254 -10.85 32.49 -12.65
C LEU A 254 -10.52 33.78 -13.37
N HIS A 255 -10.02 34.77 -12.63
CA HIS A 255 -9.51 35.97 -13.26
C HIS A 255 -8.24 35.61 -14.03
N PRO A 256 -8.16 36.05 -15.29
CA PRO A 256 -7.07 35.70 -16.22
C PRO A 256 -5.65 35.95 -15.69
N GLU A 257 -5.50 36.88 -14.74
CA GLU A 257 -4.18 37.22 -14.20
C GLU A 257 -3.91 36.65 -12.81
N THR A 258 -4.82 35.80 -12.34
CA THR A 258 -4.77 35.24 -10.99
C THR A 258 -3.39 34.73 -10.55
N PHE A 259 -2.71 34.02 -11.45
CA PHE A 259 -1.48 33.30 -11.08
C PHE A 259 -0.15 33.93 -11.54
N HIS A 260 -0.20 35.02 -12.31
CA HIS A 260 1.00 35.53 -13.01
C HIS A 260 2.23 35.78 -12.15
N HIS A 261 2.02 36.26 -10.94
CA HIS A 261 3.11 36.64 -10.04
C HIS A 261 3.75 35.45 -9.33
N LEU A 262 3.13 34.27 -9.48
CA LEU A 262 3.68 33.06 -8.89
C LEU A 262 4.84 32.55 -9.73
N SER A 263 6.05 33.05 -9.46
CA SER A 263 7.22 32.75 -10.27
C SER A 263 7.95 31.47 -9.87
N HIS A 264 7.61 30.93 -8.69
CA HIS A 264 8.23 29.70 -8.22
C HIS A 264 7.21 28.57 -8.15
N LEU A 265 6.00 28.82 -8.66
CA LEU A 265 4.94 27.82 -8.68
C LEU A 265 5.33 26.55 -9.46
N GLU A 266 5.37 25.42 -8.76
CA GLU A 266 5.78 24.15 -9.35
C GLU A 266 4.58 23.22 -9.49
N GLY A 267 3.68 23.29 -8.52
CA GLY A 267 2.45 22.52 -8.58
C GLY A 267 1.24 23.40 -8.55
N LEU A 268 0.29 23.12 -9.45
CA LEU A 268 -1.01 23.79 -9.43
C LEU A 268 -2.07 22.73 -9.65
N VAL A 269 -3.09 22.72 -8.80
CA VAL A 269 -4.19 21.77 -8.99
C VAL A 269 -5.54 22.49 -9.11
N LEU A 270 -6.21 22.25 -10.23
CA LEU A 270 -7.47 22.90 -10.57
C LEU A 270 -8.52 21.83 -10.77
N LYS A 271 -8.36 20.71 -10.08
CA LYS A 271 -9.25 19.58 -10.24
C LYS A 271 -10.66 19.88 -9.76
N ASP A 272 -11.65 19.26 -10.41
CA ASP A 272 -13.06 19.36 -10.01
C ASP A 272 -13.49 20.81 -9.78
N SER A 273 -13.37 21.62 -10.84
CA SER A 273 -13.68 23.04 -10.74
C SER A 273 -14.71 23.43 -11.81
N SER A 274 -15.23 22.41 -12.49
CA SER A 274 -16.20 22.60 -13.56
C SER A 274 -15.67 23.52 -14.65
N LEU A 275 -14.40 23.34 -15.03
CA LEU A 275 -13.78 24.17 -16.03
C LEU A 275 -14.16 23.74 -17.44
N HIS A 276 -14.74 24.67 -18.21
CA HIS A 276 -15.25 24.31 -19.51
C HIS A 276 -14.27 24.68 -20.62
N THR A 277 -13.42 25.65 -20.36
CA THR A 277 -12.32 25.96 -21.27
C THR A 277 -11.07 26.24 -20.44
N LEU A 278 -9.92 26.25 -21.11
CA LEU A 278 -8.69 26.74 -20.51
C LEU A 278 -8.38 28.11 -21.09
N ASN A 279 -7.64 28.92 -20.33
CA ASN A 279 -7.16 30.20 -20.80
C ASN A 279 -5.65 30.26 -20.57
N SER A 280 -4.88 30.25 -21.65
CA SER A 280 -3.41 30.23 -21.59
C SER A 280 -2.84 31.29 -20.66
N SER A 281 -3.61 32.35 -20.44
CA SER A 281 -3.27 33.37 -19.45
C SER A 281 -2.94 32.74 -18.09
N TRP A 282 -3.73 31.76 -17.67
CA TRP A 282 -3.57 31.15 -16.34
C TRP A 282 -2.14 30.68 -16.05
N PHE A 283 -1.49 30.10 -17.05
CA PHE A 283 -0.19 29.49 -16.86
C PHE A 283 0.97 30.35 -17.37
N GLN A 284 0.63 31.50 -17.95
CA GLN A 284 1.56 32.34 -18.70
C GLN A 284 2.88 32.69 -17.98
N GLY A 285 2.82 32.85 -16.66
CA GLY A 285 3.99 33.25 -15.89
C GLY A 285 4.46 32.15 -14.97
N LEU A 286 3.85 30.97 -15.07
CA LEU A 286 4.24 29.83 -14.27
C LEU A 286 5.39 29.08 -14.96
N VAL A 287 6.58 29.69 -14.92
CA VAL A 287 7.73 29.24 -15.68
C VAL A 287 8.45 28.02 -15.06
N GLN A 288 7.88 27.48 -13.99
CA GLN A 288 8.41 26.27 -13.39
C GLN A 288 7.28 25.33 -13.05
N LEU A 289 6.16 25.48 -13.74
CA LEU A 289 5.05 24.56 -13.54
C LEU A 289 5.50 23.13 -13.88
N SER A 290 5.62 22.31 -12.84
CA SER A 290 6.06 20.92 -12.98
C SER A 290 4.87 19.98 -13.01
N VAL A 291 3.87 20.30 -12.19
CA VAL A 291 2.70 19.46 -12.06
C VAL A 291 1.43 20.30 -12.22
N LEU A 292 0.56 19.86 -13.12
CA LEU A 292 -0.71 20.54 -13.37
C LEU A 292 -1.81 19.50 -13.27
N ASP A 293 -2.81 19.75 -12.43
CA ASP A 293 -3.93 18.83 -12.28
C ASP A 293 -5.20 19.49 -12.82
N LEU A 294 -5.71 18.97 -13.92
CA LEU A 294 -6.92 19.51 -14.55
C LEU A 294 -8.04 18.49 -14.54
N SER A 295 -7.91 17.48 -13.68
CA SER A 295 -8.86 16.36 -13.67
C SER A 295 -10.26 16.77 -13.20
N GLU A 296 -11.25 15.96 -13.56
CA GLU A 296 -12.63 16.15 -13.12
C GLU A 296 -13.30 17.44 -13.59
N ASN A 297 -12.79 18.01 -14.69
CA ASN A 297 -13.45 19.17 -15.29
C ASN A 297 -14.18 18.78 -16.58
N PHE A 298 -14.52 19.76 -17.39
CA PHE A 298 -15.17 19.51 -18.67
C PHE A 298 -14.28 20.00 -19.81
N LEU A 299 -13.07 19.44 -19.88
CA LEU A 299 -12.07 19.93 -20.83
C LEU A 299 -11.86 18.97 -22.00
N TYR A 300 -12.84 18.11 -22.23
CA TYR A 300 -12.79 17.13 -23.32
C TYR A 300 -12.47 17.81 -24.65
N GLU A 301 -13.30 18.79 -25.02
CA GLU A 301 -13.08 19.55 -26.25
C GLU A 301 -11.83 20.40 -26.17
N SER A 302 -11.59 20.99 -25.00
CA SER A 302 -10.46 21.89 -24.80
C SER A 302 -9.10 21.23 -25.01
N ILE A 303 -8.90 20.04 -24.45
CA ILE A 303 -7.63 19.33 -24.62
C ILE A 303 -7.42 18.95 -26.08
N THR A 304 -8.49 18.97 -26.86
CA THR A 304 -8.48 18.55 -28.25
C THR A 304 -8.04 19.71 -29.15
N HIS A 305 -8.29 20.95 -28.68
CA HIS A 305 -8.07 22.13 -29.50
C HIS A 305 -7.17 23.21 -28.88
N THR A 306 -7.15 23.29 -27.54
CA THR A 306 -6.49 24.41 -26.86
C THR A 306 -5.03 24.66 -27.24
N ASN A 307 -4.58 25.87 -26.92
CA ASN A 307 -3.23 26.31 -27.17
C ASN A 307 -2.55 26.53 -25.83
N ALA A 308 -3.31 26.30 -24.76
CA ALA A 308 -2.87 26.58 -23.39
C ALA A 308 -1.55 25.90 -23.02
N PHE A 309 -1.25 24.78 -23.68
CA PHE A 309 -0.08 24.00 -23.34
C PHE A 309 1.19 24.49 -24.01
N GLN A 310 1.04 25.43 -24.95
CA GLN A 310 2.14 25.96 -25.77
C GLN A 310 3.44 26.21 -25.02
N ASN A 311 3.37 26.86 -23.86
CA ASN A 311 4.59 27.25 -23.15
C ASN A 311 4.84 26.47 -21.87
N LEU A 312 3.99 25.50 -21.57
CA LEU A 312 4.17 24.68 -20.37
C LEU A 312 5.35 23.74 -20.57
N THR A 313 6.54 24.34 -20.54
CA THR A 313 7.76 23.75 -21.08
C THR A 313 8.56 22.95 -20.03
N ARG A 314 8.32 23.23 -18.75
CA ARG A 314 8.98 22.50 -17.67
C ARG A 314 8.03 21.48 -17.02
N LEU A 315 6.86 21.31 -17.63
CA LEU A 315 5.81 20.43 -17.09
C LEU A 315 6.22 18.96 -17.13
N ARG A 316 6.23 18.30 -15.96
CA ARG A 316 6.61 16.89 -15.87
C ARG A 316 5.40 15.99 -15.70
N LYS A 317 4.37 16.49 -15.02
CA LYS A 317 3.16 15.72 -14.80
C LYS A 317 1.91 16.49 -15.17
N LEU A 318 1.07 15.87 -16.00
CA LEU A 318 -0.20 16.46 -16.40
C LEU A 318 -1.30 15.43 -16.20
N ASN A 319 -2.35 15.84 -15.49
CA ASN A 319 -3.47 14.96 -15.18
C ASN A 319 -4.74 15.51 -15.82
N LEU A 320 -5.26 14.80 -16.82
CA LEU A 320 -6.44 15.25 -17.53
C LEU A 320 -7.60 14.27 -17.30
N SER A 321 -7.43 13.40 -16.31
CA SER A 321 -8.37 12.31 -16.09
C SER A 321 -9.79 12.77 -15.78
N PHE A 322 -10.77 11.95 -16.19
CA PHE A 322 -12.17 12.19 -15.89
C PHE A 322 -12.74 13.50 -16.45
N ASN A 323 -12.25 13.90 -17.62
CA ASN A 323 -12.80 15.04 -18.31
C ASN A 323 -13.87 14.63 -19.31
N TYR A 324 -15.12 14.97 -19.02
CA TYR A 324 -16.25 14.65 -19.90
C TYR A 324 -16.35 15.69 -21.01
N ALA A 331 -17.30 11.87 -32.76
CA ALA A 331 -16.06 12.46 -33.26
C ALA A 331 -14.85 11.92 -32.51
N ARG A 332 -13.75 11.69 -33.23
CA ARG A 332 -12.57 11.06 -32.62
C ARG A 332 -11.71 12.00 -31.75
N LEU A 333 -11.33 11.50 -30.58
CA LEU A 333 -10.41 12.20 -29.68
C LEU A 333 -9.03 12.30 -30.30
N HIS A 334 -8.45 13.51 -30.29
CA HIS A 334 -7.10 13.74 -30.78
C HIS A 334 -6.49 14.91 -30.01
N LEU A 335 -5.42 14.65 -29.25
CA LEU A 335 -4.80 15.69 -28.45
C LEU A 335 -4.35 16.89 -29.27
N ALA A 336 -4.49 18.09 -28.68
CA ALA A 336 -4.16 19.33 -29.35
C ALA A 336 -2.71 19.40 -29.81
N SER A 337 -2.45 20.21 -30.82
CA SER A 337 -1.11 20.40 -31.35
C SER A 337 -0.14 20.97 -30.31
N SER A 338 -0.65 21.79 -29.38
CA SER A 338 0.20 22.38 -28.35
C SER A 338 0.88 21.34 -27.44
N PHE A 339 0.36 20.11 -27.44
CA PHE A 339 0.95 19.04 -26.64
C PHE A 339 2.40 18.71 -27.04
N LYS A 340 2.78 19.09 -28.27
CA LYS A 340 4.13 18.82 -28.76
C LYS A 340 5.17 19.69 -28.06
N ASN A 341 4.72 20.72 -27.35
CA ASN A 341 5.61 21.61 -26.61
C ASN A 341 6.00 21.08 -25.24
N LEU A 342 5.24 20.11 -24.74
CA LEU A 342 5.46 19.57 -23.40
C LEU A 342 6.67 18.65 -23.37
N VAL A 343 7.85 19.21 -23.65
CA VAL A 343 9.08 18.42 -23.85
C VAL A 343 9.73 17.94 -22.55
N SER A 344 9.14 18.27 -21.42
CA SER A 344 9.60 17.78 -20.13
C SER A 344 8.64 16.71 -19.61
N LEU A 345 7.51 16.58 -20.30
CA LEU A 345 6.42 15.72 -19.84
C LEU A 345 6.87 14.27 -19.63
N GLN A 346 6.69 13.76 -18.41
CA GLN A 346 7.08 12.40 -18.09
C GLN A 346 5.85 11.52 -17.87
N GLU A 347 4.76 12.14 -17.41
CA GLU A 347 3.56 11.40 -17.06
C GLU A 347 2.29 12.14 -17.43
N LEU A 348 1.37 11.41 -18.07
CA LEU A 348 0.12 11.97 -18.55
C LEU A 348 -1.03 11.05 -18.17
N ASN A 349 -2.05 11.61 -17.52
CA ASN A 349 -3.20 10.81 -17.10
C ASN A 349 -4.44 11.08 -17.97
N MET A 350 -4.93 10.06 -18.65
CA MET A 350 -6.10 10.25 -19.50
C MET A 350 -7.23 9.26 -19.19
N ASN A 351 -7.31 8.87 -17.91
CA ASN A 351 -8.36 7.98 -17.41
C ASN A 351 -9.74 8.63 -17.36
N GLY A 352 -10.78 7.85 -17.64
CA GLY A 352 -12.15 8.32 -17.51
C GLY A 352 -12.54 9.47 -18.42
N ILE A 353 -11.77 9.68 -19.48
CA ILE A 353 -12.12 10.67 -20.50
C ILE A 353 -13.22 10.08 -21.38
N PHE A 354 -13.14 8.77 -21.62
CA PHE A 354 -14.14 8.00 -22.38
C PHE A 354 -14.13 8.25 -23.89
N PHE A 355 -13.08 7.79 -24.56
CA PHE A 355 -13.04 7.79 -26.02
C PHE A 355 -12.86 6.33 -26.48
N ARG A 356 -13.64 5.91 -27.48
CA ARG A 356 -13.68 4.50 -27.87
C ARG A 356 -12.64 4.16 -28.94
N LEU A 357 -11.86 5.16 -29.34
CA LEU A 357 -10.90 4.94 -30.43
C LEU A 357 -9.49 5.43 -30.16
N LEU A 358 -8.52 4.55 -30.39
CA LEU A 358 -7.10 4.89 -30.24
C LEU A 358 -6.43 4.65 -31.60
N ASN A 359 -6.14 5.75 -32.29
CA ASN A 359 -5.53 5.69 -33.61
C ASN A 359 -4.21 6.48 -33.65
N LYS A 360 -3.63 6.59 -34.84
CA LYS A 360 -2.33 7.25 -35.01
C LYS A 360 -2.38 8.77 -34.94
N TYR A 361 -3.60 9.33 -34.78
CA TYR A 361 -3.77 10.78 -34.67
C TYR A 361 -4.19 11.16 -33.24
N THR A 362 -4.71 10.18 -32.51
CA THR A 362 -5.23 10.40 -31.16
C THR A 362 -4.17 10.99 -30.24
N LEU A 363 -2.96 10.44 -30.32
CA LEU A 363 -1.86 10.81 -29.42
C LEU A 363 -0.65 11.26 -30.22
N ARG A 364 -0.87 11.58 -31.49
CA ARG A 364 0.19 11.97 -32.41
C ARG A 364 1.21 12.95 -31.81
N TRP A 365 0.71 14.02 -31.20
CA TRP A 365 1.56 15.10 -30.72
C TRP A 365 2.36 14.77 -29.45
N LEU A 366 2.28 13.52 -28.99
CA LEU A 366 3.06 13.06 -27.84
C LEU A 366 4.32 12.29 -28.29
N ALA A 367 4.30 11.81 -29.53
CA ALA A 367 5.29 10.84 -29.99
C ALA A 367 6.75 11.31 -30.02
N ASP A 368 6.98 12.61 -30.15
CA ASP A 368 8.36 13.11 -30.22
C ASP A 368 8.85 13.67 -28.88
N LEU A 369 8.00 13.56 -27.86
CA LEU A 369 8.36 14.01 -26.52
C LEU A 369 9.43 13.11 -25.91
N PRO A 370 10.59 13.70 -25.57
CA PRO A 370 11.83 12.97 -25.24
C PRO A 370 11.87 12.28 -23.88
N LYS A 371 10.88 12.51 -23.02
CA LYS A 371 10.94 11.96 -21.67
C LYS A 371 9.61 11.38 -21.17
N LEU A 372 8.63 11.31 -22.06
CA LEU A 372 7.32 10.73 -21.72
C LEU A 372 7.43 9.22 -21.46
N HIS A 373 7.44 8.84 -20.18
CA HIS A 373 7.61 7.43 -19.80
C HIS A 373 6.33 6.75 -19.30
N THR A 374 5.34 7.53 -18.90
CA THR A 374 4.14 6.93 -18.32
C THR A 374 2.83 7.51 -18.87
N LEU A 375 1.98 6.61 -19.35
CA LEU A 375 0.71 6.97 -19.97
C LEU A 375 -0.44 6.18 -19.34
N HIS A 376 -1.34 6.88 -18.64
CA HIS A 376 -2.52 6.26 -18.05
C HIS A 376 -3.71 6.38 -18.99
N LEU A 377 -4.21 5.25 -19.48
CA LEU A 377 -5.30 5.27 -20.46
C LEU A 377 -6.48 4.36 -20.09
N GLN A 378 -6.70 4.15 -18.80
CA GLN A 378 -7.74 3.23 -18.35
C GLN A 378 -9.14 3.84 -18.34
N MET A 379 -10.14 2.99 -18.11
CA MET A 379 -11.55 3.40 -18.02
C MET A 379 -11.93 4.40 -19.11
N ASN A 380 -11.76 4.00 -20.36
CA ASN A 380 -12.06 4.86 -21.48
C ASN A 380 -12.97 4.19 -22.51
N PHE A 381 -13.39 2.96 -22.20
CA PHE A 381 -14.28 2.20 -23.08
C PHE A 381 -13.72 2.07 -24.49
N ILE A 382 -12.40 2.03 -24.59
CA ILE A 382 -11.73 1.84 -25.88
C ILE A 382 -12.08 0.45 -26.42
N ASN A 383 -12.71 0.40 -27.60
CA ASN A 383 -13.05 -0.86 -28.24
C ASN A 383 -12.25 -1.12 -29.51
N GLN A 384 -11.37 -0.18 -29.83
CA GLN A 384 -10.52 -0.28 -31.02
C GLN A 384 -9.21 0.45 -30.79
N ALA A 385 -8.10 -0.26 -30.97
CA ALA A 385 -6.79 0.28 -30.64
C ALA A 385 -5.70 -0.19 -31.60
N GLN A 386 -5.04 0.75 -32.24
CA GLN A 386 -3.82 0.45 -32.98
C GLN A 386 -2.65 0.60 -32.02
N LEU A 387 -2.35 -0.48 -31.29
CA LEU A 387 -1.33 -0.46 -30.24
C LEU A 387 0.06 -0.20 -30.78
N SER A 388 0.25 -0.47 -32.07
CA SER A 388 1.53 -0.24 -32.74
C SER A 388 2.09 1.16 -32.52
N ILE A 389 1.22 2.14 -32.31
CA ILE A 389 1.65 3.51 -32.05
C ILE A 389 2.62 3.60 -30.87
N PHE A 390 2.43 2.75 -29.88
CA PHE A 390 3.24 2.79 -28.67
C PHE A 390 4.68 2.29 -28.91
N GLY A 391 4.90 1.70 -30.08
CA GLY A 391 6.25 1.34 -30.50
C GLY A 391 6.97 2.48 -31.18
N THR A 392 6.25 3.56 -31.45
CA THR A 392 6.82 4.71 -32.17
C THR A 392 7.30 5.80 -31.22
N PHE A 393 7.02 5.64 -29.94
CA PHE A 393 7.35 6.66 -28.94
C PHE A 393 8.82 6.67 -28.57
N ARG A 394 9.26 7.73 -27.91
CA ARG A 394 10.68 7.90 -27.61
C ARG A 394 11.18 7.19 -26.36
N ALA A 395 10.36 7.16 -25.31
CA ALA A 395 10.82 6.60 -24.04
C ALA A 395 9.72 5.98 -23.19
N LEU A 396 8.61 5.59 -23.81
CA LEU A 396 7.51 4.95 -23.09
C LEU A 396 8.01 3.75 -22.28
N ARG A 397 7.59 3.68 -21.03
CA ARG A 397 8.00 2.60 -20.14
C ARG A 397 6.78 1.94 -19.51
N PHE A 398 5.68 2.68 -19.45
CA PHE A 398 4.44 2.12 -18.93
C PHE A 398 3.22 2.77 -19.57
N VAL A 399 2.40 1.95 -20.23
CA VAL A 399 1.11 2.41 -20.72
C VAL A 399 0.01 1.51 -20.16
N ASP A 400 -0.91 2.12 -19.41
CA ASP A 400 -1.99 1.39 -18.77
C ASP A 400 -3.23 1.44 -19.64
N LEU A 401 -3.60 0.31 -20.22
CA LEU A 401 -4.80 0.24 -21.05
C LEU A 401 -5.86 -0.63 -20.40
N SER A 402 -5.67 -0.89 -19.11
CA SER A 402 -6.58 -1.75 -18.36
C SER A 402 -7.98 -1.19 -18.28
N ASP A 403 -8.95 -2.07 -18.07
CA ASP A 403 -10.36 -1.69 -17.92
C ASP A 403 -10.91 -0.94 -19.13
N ASN A 404 -10.62 -1.44 -20.32
CA ASN A 404 -11.27 -0.98 -21.53
C ASN A 404 -12.04 -2.12 -22.19
N ARG A 405 -12.42 -1.95 -23.46
CA ARG A 405 -13.23 -2.96 -24.15
C ARG A 405 -12.54 -3.45 -25.43
N ILE A 406 -11.23 -3.67 -25.37
CA ILE A 406 -10.49 -4.18 -26.52
C ILE A 406 -10.69 -5.69 -26.69
N SER A 407 -10.94 -6.13 -27.92
CA SER A 407 -11.25 -7.53 -28.19
C SER A 407 -10.33 -8.16 -29.24
N GLY A 408 -9.53 -7.33 -29.91
CA GLY A 408 -8.60 -7.82 -30.92
C GLY A 408 -7.78 -6.71 -31.55
N PRO A 409 -7.02 -7.05 -32.61
CA PRO A 409 -6.29 -6.04 -33.38
C PRO A 409 -7.25 -5.10 -34.10
N SER A 410 -6.82 -3.89 -34.42
CA SER A 410 -7.69 -2.88 -35.03
C SER A 410 -7.88 -3.07 -36.54
N THR A 411 -8.72 -2.22 -37.12
CA THR A 411 -8.96 -2.22 -38.56
C THR A 411 -8.72 -0.83 -39.15
N MET A 447 3.19 -10.51 -10.24
CA MET A 447 4.46 -10.69 -10.96
C MET A 447 4.79 -9.47 -11.84
N ASP A 448 3.78 -8.69 -12.19
CA ASP A 448 4.02 -7.42 -12.88
C ASP A 448 4.69 -6.42 -11.95
N ARG A 449 6.03 -6.42 -11.97
CA ARG A 449 6.87 -5.41 -11.33
C ARG A 449 8.36 -5.75 -11.58
N CYS A 450 8.96 -5.39 -12.73
CA CYS A 450 8.46 -4.55 -13.86
C CYS A 450 8.39 -3.04 -13.62
N LYS A 451 8.28 -2.62 -12.36
CA LYS A 451 8.11 -1.20 -12.06
C LYS A 451 9.28 -0.34 -12.54
N ASN A 452 8.96 0.76 -13.20
CA ASN A 452 9.92 1.81 -13.56
C ASN A 452 11.04 1.44 -14.55
N PHE A 453 11.37 0.15 -14.63
CA PHE A 453 12.57 -0.26 -15.38
C PHE A 453 12.30 -1.01 -16.68
N LYS A 454 11.05 -1.38 -16.93
CA LYS A 454 10.74 -2.22 -18.08
C LYS A 454 9.58 -1.66 -18.90
N PHE A 455 9.73 -1.68 -20.23
CA PHE A 455 8.62 -1.34 -21.10
C PHE A 455 7.48 -2.28 -20.75
N THR A 456 6.44 -1.70 -20.14
CA THR A 456 5.34 -2.48 -19.62
C THR A 456 4.00 -1.99 -20.16
N MET A 457 3.13 -2.92 -20.51
CA MET A 457 1.80 -2.59 -20.98
C MET A 457 0.75 -3.41 -20.23
N ASP A 458 -0.27 -2.73 -19.72
CA ASP A 458 -1.33 -3.41 -19.01
C ASP A 458 -2.62 -3.47 -19.84
N LEU A 459 -3.01 -4.68 -20.26
CA LEU A 459 -4.25 -4.87 -21.00
C LEU A 459 -5.29 -5.65 -20.20
N SER A 460 -5.18 -5.62 -18.87
CA SER A 460 -6.11 -6.39 -18.03
C SER A 460 -7.53 -5.85 -18.10
N ARG A 461 -8.49 -6.68 -17.71
CA ARG A 461 -9.90 -6.31 -17.68
C ARG A 461 -10.42 -5.72 -18.99
N ASN A 462 -9.93 -6.25 -20.10
CA ASN A 462 -10.48 -5.91 -21.41
C ASN A 462 -11.40 -7.04 -21.89
N ASN A 463 -11.75 -7.04 -23.17
CA ASN A 463 -12.66 -8.04 -23.71
C ASN A 463 -12.02 -9.03 -24.68
N LEU A 464 -10.76 -9.37 -24.42
CA LEU A 464 -10.06 -10.34 -25.23
C LEU A 464 -10.57 -11.76 -24.95
N VAL A 465 -10.99 -12.44 -26.00
CA VAL A 465 -11.44 -13.83 -25.92
C VAL A 465 -10.42 -14.67 -26.67
N THR A 466 -9.80 -14.05 -27.66
CA THR A 466 -8.83 -14.71 -28.52
C THR A 466 -7.64 -13.80 -28.81
N ILE A 467 -6.43 -14.32 -28.58
CA ILE A 467 -5.22 -13.55 -28.84
C ILE A 467 -4.66 -13.83 -30.24
N LYS A 468 -4.63 -12.79 -31.08
CA LYS A 468 -4.06 -12.90 -32.41
C LYS A 468 -2.77 -12.07 -32.47
N PRO A 469 -1.69 -12.66 -32.98
CA PRO A 469 -0.35 -12.05 -32.96
C PRO A 469 -0.23 -10.72 -33.74
N GLU A 470 -1.13 -10.45 -34.68
CA GLU A 470 -1.12 -9.16 -35.37
C GLU A 470 -1.39 -7.99 -34.41
N MET A 471 -2.05 -8.26 -33.29
CA MET A 471 -2.38 -7.21 -32.32
C MET A 471 -1.12 -6.64 -31.66
N PHE A 472 -0.01 -7.36 -31.79
CA PHE A 472 1.23 -6.97 -31.13
C PHE A 472 2.29 -6.42 -32.08
N VAL A 473 1.93 -6.20 -33.35
CA VAL A 473 2.88 -5.61 -34.30
C VAL A 473 3.45 -4.28 -33.76
N GLN A 474 4.77 -4.11 -33.92
CA GLN A 474 5.52 -2.95 -33.43
C GLN A 474 5.52 -2.79 -31.89
N LEU A 475 5.14 -3.84 -31.18
CA LEU A 475 5.22 -3.81 -29.72
C LEU A 475 6.38 -4.67 -29.24
N SER A 476 7.26 -5.01 -30.17
CA SER A 476 8.34 -5.95 -29.97
C SER A 476 9.35 -5.59 -28.88
N ARG A 477 9.25 -4.38 -28.35
CA ARG A 477 10.13 -3.99 -27.25
C ARG A 477 9.49 -4.24 -25.90
N LEU A 478 8.23 -4.68 -25.90
CA LEU A 478 7.52 -5.01 -24.67
C LEU A 478 8.30 -6.01 -23.83
N GLN A 479 8.51 -5.68 -22.56
CA GLN A 479 9.18 -6.61 -21.68
C GLN A 479 8.20 -7.21 -20.70
N CYS A 480 7.17 -6.46 -20.36
CA CYS A 480 6.13 -6.93 -19.46
C CYS A 480 4.74 -6.66 -20.01
N LEU A 481 3.85 -7.63 -19.86
CA LEU A 481 2.49 -7.57 -20.40
C LEU A 481 1.52 -8.28 -19.47
N SER A 482 0.34 -7.68 -19.26
CA SER A 482 -0.72 -8.35 -18.52
C SER A 482 -1.98 -8.53 -19.36
N LEU A 483 -2.50 -9.75 -19.40
CA LEU A 483 -3.74 -10.03 -20.11
C LEU A 483 -4.80 -10.56 -19.14
N SER A 484 -4.59 -10.29 -17.86
CA SER A 484 -5.43 -10.88 -16.81
C SER A 484 -6.84 -10.34 -16.81
N HIS A 485 -7.76 -11.14 -16.26
CA HIS A 485 -9.17 -10.74 -16.14
C HIS A 485 -9.81 -10.38 -17.47
N ASN A 486 -9.38 -11.05 -18.53
CA ASN A 486 -10.10 -11.02 -19.79
C ASN A 486 -11.01 -12.24 -19.83
N SER A 487 -11.35 -12.72 -21.03
CA SER A 487 -12.16 -13.93 -21.14
C SER A 487 -11.56 -14.85 -22.19
N ILE A 488 -10.23 -14.84 -22.27
CA ILE A 488 -9.50 -15.63 -23.25
C ILE A 488 -9.73 -17.12 -23.07
N ALA A 489 -10.52 -17.69 -23.97
CA ALA A 489 -10.69 -19.14 -24.05
C ALA A 489 -10.06 -19.59 -25.35
N GLN A 490 -8.85 -20.12 -25.26
CA GLN A 490 -8.05 -20.42 -26.42
C GLN A 490 -7.07 -21.55 -26.11
N ALA A 491 -6.90 -22.46 -27.07
CA ALA A 491 -5.83 -23.43 -26.96
C ALA A 491 -4.52 -22.77 -27.40
N VAL A 492 -3.77 -22.26 -26.43
CA VAL A 492 -2.47 -21.66 -26.71
C VAL A 492 -1.53 -22.69 -27.35
N ASN A 493 -0.97 -22.36 -28.51
CA ASN A 493 -0.22 -23.34 -29.30
C ASN A 493 1.12 -22.85 -29.86
N GLY A 494 1.57 -21.69 -29.41
CA GLY A 494 2.86 -21.17 -29.85
C GLY A 494 2.80 -20.17 -31.00
N SER A 495 1.58 -19.77 -31.37
CA SER A 495 1.41 -18.86 -32.51
C SER A 495 0.91 -17.48 -32.10
N GLN A 496 0.55 -17.32 -30.83
CA GLN A 496 -0.20 -16.16 -30.36
C GLN A 496 0.64 -14.89 -30.15
N PHE A 497 1.91 -15.05 -29.79
CA PHE A 497 2.69 -13.91 -29.31
C PHE A 497 3.99 -13.70 -30.08
N LEU A 498 4.02 -14.11 -31.35
CA LEU A 498 5.24 -14.02 -32.17
C LEU A 498 6.01 -12.69 -32.10
N PRO A 499 5.33 -11.54 -32.29
CA PRO A 499 6.09 -10.29 -32.30
C PRO A 499 6.76 -9.96 -30.97
N LEU A 500 6.25 -10.53 -29.88
CA LEU A 500 6.73 -10.24 -28.54
C LEU A 500 8.05 -10.94 -28.22
N THR A 501 9.07 -10.66 -29.01
CA THR A 501 10.37 -11.31 -28.90
C THR A 501 11.12 -10.99 -27.62
N ASN A 502 10.79 -9.87 -26.97
CA ASN A 502 11.53 -9.46 -25.78
C ASN A 502 10.75 -9.65 -24.49
N LEU A 503 9.54 -10.20 -24.60
CA LEU A 503 8.66 -10.31 -23.44
C LEU A 503 9.27 -11.19 -22.33
N GLN A 504 9.40 -10.61 -21.15
CA GLN A 504 9.97 -11.32 -20.01
C GLN A 504 8.89 -11.74 -19.01
N VAL A 505 7.98 -10.83 -18.71
CA VAL A 505 6.89 -11.10 -17.79
C VAL A 505 5.52 -11.14 -18.48
N LEU A 506 4.81 -12.25 -18.32
CA LEU A 506 3.47 -12.40 -18.86
C LEU A 506 2.45 -12.79 -17.78
N ASP A 507 1.42 -11.96 -17.61
CA ASP A 507 0.33 -12.28 -16.68
C ASP A 507 -0.92 -12.66 -17.47
N LEU A 508 -1.36 -13.90 -17.32
CA LEU A 508 -2.54 -14.39 -18.03
C LEU A 508 -3.58 -14.92 -17.03
N SER A 509 -3.47 -14.49 -15.78
CA SER A 509 -4.34 -14.97 -14.72
C SER A 509 -5.81 -14.64 -14.99
N HIS A 510 -6.69 -15.39 -14.34
CA HIS A 510 -8.13 -15.18 -14.46
C HIS A 510 -8.65 -15.26 -15.88
N ASN A 511 -8.14 -16.23 -16.64
CA ASN A 511 -8.66 -16.52 -17.96
C ASN A 511 -9.07 -17.99 -18.09
N LYS A 512 -9.49 -18.40 -19.28
CA LYS A 512 -9.99 -19.74 -19.51
C LYS A 512 -9.10 -20.48 -20.51
N LEU A 513 -7.80 -20.48 -20.25
CA LEU A 513 -6.84 -21.06 -21.19
C LEU A 513 -6.88 -22.58 -21.25
N ASP A 514 -6.77 -23.11 -22.47
CA ASP A 514 -6.59 -24.54 -22.69
C ASP A 514 -5.07 -24.76 -22.74
N LEU A 515 -4.55 -25.53 -21.80
CA LEU A 515 -3.10 -25.66 -21.64
C LEU A 515 -2.56 -27.06 -21.96
N TYR A 516 -3.18 -27.75 -22.91
CA TYR A 516 -2.76 -29.10 -23.28
C TYR A 516 -1.52 -29.10 -24.19
N HIS A 517 -1.38 -28.06 -25.00
CA HIS A 517 -0.37 -28.07 -26.06
C HIS A 517 1.05 -27.73 -25.56
N TRP A 518 1.99 -28.62 -25.89
CA TRP A 518 3.37 -28.51 -25.42
C TRP A 518 4.18 -27.43 -26.12
N LYS A 519 3.62 -26.82 -27.15
CA LYS A 519 4.28 -25.72 -27.84
C LYS A 519 3.82 -24.36 -27.27
N SER A 520 3.05 -24.40 -26.20
CA SER A 520 2.53 -23.19 -25.57
C SER A 520 3.66 -22.24 -25.14
N PHE A 521 3.53 -20.97 -25.53
CA PHE A 521 4.45 -19.91 -25.12
C PHE A 521 5.87 -20.13 -25.64
N SER A 522 6.04 -21.05 -26.59
CA SER A 522 7.37 -21.32 -27.14
C SER A 522 7.83 -20.21 -28.09
N GLU A 523 6.91 -19.32 -28.46
CA GLU A 523 7.28 -18.17 -29.29
C GLU A 523 7.78 -17.01 -28.42
N LEU A 524 7.87 -17.25 -27.11
CA LEU A 524 8.30 -16.22 -26.16
C LEU A 524 9.67 -16.55 -25.53
N PRO A 525 10.77 -16.34 -26.29
CA PRO A 525 12.10 -16.85 -25.91
C PRO A 525 12.78 -16.13 -24.74
N GLN A 526 12.16 -15.08 -24.21
CA GLN A 526 12.77 -14.35 -23.09
C GLN A 526 11.89 -14.45 -21.85
N LEU A 527 10.74 -15.10 -22.00
CA LEU A 527 9.77 -15.29 -20.93
C LEU A 527 10.43 -15.86 -19.67
N GLN A 528 10.41 -15.06 -18.60
CA GLN A 528 11.02 -15.45 -17.33
C GLN A 528 9.99 -15.67 -16.22
N ALA A 529 8.80 -15.10 -16.39
CA ALA A 529 7.76 -15.15 -15.36
C ALA A 529 6.38 -15.23 -16.01
N LEU A 530 5.66 -16.31 -15.70
CA LEU A 530 4.38 -16.58 -16.33
C LEU A 530 3.30 -16.84 -15.28
N ASP A 531 2.28 -15.97 -15.25
CA ASP A 531 1.22 -16.08 -14.26
C ASP A 531 -0.06 -16.66 -14.87
N LEU A 532 -0.36 -17.91 -14.52
CA LEU A 532 -1.54 -18.58 -15.04
C LEU A 532 -2.54 -18.89 -13.94
N SER A 533 -2.43 -18.19 -12.82
CA SER A 533 -3.33 -18.45 -11.68
C SER A 533 -4.81 -18.19 -11.99
N TYR A 534 -5.67 -18.93 -11.30
CA TYR A 534 -7.12 -18.85 -11.51
C TYR A 534 -7.52 -19.15 -12.96
N ASN A 535 -6.75 -20.00 -13.62
CA ASN A 535 -7.11 -20.49 -14.94
C ASN A 535 -8.11 -21.63 -14.85
N SER A 536 -9.20 -21.50 -15.61
CA SER A 536 -10.24 -22.52 -15.62
C SER A 536 -10.26 -23.25 -16.96
N GLY A 543 -9.91 -34.92 -26.02
CA GLY A 543 -8.99 -35.25 -24.94
C GLY A 543 -7.62 -35.63 -25.47
N ILE A 544 -6.83 -34.61 -25.81
CA ILE A 544 -5.49 -34.83 -26.36
C ILE A 544 -4.44 -34.00 -25.61
N GLY A 545 -3.24 -34.55 -25.46
CA GLY A 545 -2.15 -33.84 -24.82
C GLY A 545 -2.21 -33.96 -23.30
N HIS A 546 -1.35 -33.20 -22.63
CA HIS A 546 -1.31 -33.23 -21.17
C HIS A 546 -1.08 -31.83 -20.61
N GLN A 547 -1.87 -31.46 -19.62
CA GLN A 547 -1.76 -30.16 -18.99
C GLN A 547 -0.36 -29.89 -18.48
N PHE A 548 0.14 -28.69 -18.75
CA PHE A 548 1.43 -28.21 -18.21
C PHE A 548 2.64 -28.93 -18.81
N SER A 549 2.45 -29.62 -19.93
CA SER A 549 3.58 -30.25 -20.61
C SER A 549 4.54 -29.23 -21.24
N PHE A 550 4.07 -28.00 -21.46
CA PHE A 550 4.90 -26.96 -22.08
C PHE A 550 6.03 -26.43 -21.20
N VAL A 551 5.94 -26.65 -19.89
CA VAL A 551 6.86 -26.01 -18.93
C VAL A 551 8.33 -26.35 -19.21
N THR A 552 8.58 -27.58 -19.63
CA THR A 552 9.94 -28.03 -19.92
C THR A 552 10.53 -27.39 -21.17
N HIS A 553 9.69 -26.75 -21.96
CA HIS A 553 10.10 -26.22 -23.26
C HIS A 553 10.31 -24.71 -23.25
N LEU A 554 10.30 -24.12 -22.06
CA LEU A 554 10.52 -22.69 -21.88
C LEU A 554 11.83 -22.46 -21.11
N SER A 555 12.93 -22.34 -21.85
CA SER A 555 14.27 -22.38 -21.28
C SER A 555 14.65 -21.23 -20.34
N MET A 556 13.85 -20.16 -20.33
CA MET A 556 14.18 -19.00 -19.50
C MET A 556 13.28 -18.87 -18.29
N LEU A 557 12.21 -19.66 -18.25
CA LEU A 557 11.19 -19.51 -17.21
C LEU A 557 11.76 -19.74 -15.81
N GLN A 558 11.75 -18.70 -14.99
CA GLN A 558 12.26 -18.78 -13.62
C GLN A 558 11.11 -18.77 -12.61
N SER A 559 10.03 -18.08 -12.93
CA SER A 559 8.89 -17.95 -12.02
C SER A 559 7.58 -18.34 -12.69
N LEU A 560 6.83 -19.22 -12.03
CA LEU A 560 5.60 -19.76 -12.59
C LEU A 560 4.52 -19.89 -11.53
N SER A 561 3.30 -19.54 -11.90
CA SER A 561 2.15 -19.74 -11.03
C SER A 561 1.06 -20.53 -11.72
N LEU A 562 0.71 -21.68 -11.13
CA LEU A 562 -0.41 -22.48 -11.61
C LEU A 562 -1.47 -22.51 -10.51
N ALA A 563 -1.44 -21.51 -9.65
CA ALA A 563 -2.30 -21.47 -8.47
C ALA A 563 -3.79 -21.43 -8.81
N HIS A 564 -4.59 -22.07 -7.96
CA HIS A 564 -6.05 -22.07 -8.11
C HIS A 564 -6.52 -22.43 -9.52
N ASN A 565 -5.95 -23.50 -10.06
CA ASN A 565 -6.22 -23.95 -11.43
C ASN A 565 -7.20 -25.13 -11.53
N ASP A 566 -7.72 -25.35 -12.73
CA ASP A 566 -8.55 -26.52 -13.01
C ASP A 566 -7.68 -27.72 -13.43
N ILE A 567 -7.27 -28.53 -12.46
CA ILE A 567 -6.32 -29.60 -12.75
C ILE A 567 -7.03 -30.91 -13.11
N HIS A 568 -7.08 -31.21 -14.40
CA HIS A 568 -7.90 -32.31 -14.91
C HIS A 568 -7.21 -33.69 -14.94
N THR A 569 -7.97 -34.69 -15.38
CA THR A 569 -7.54 -36.09 -15.34
C THR A 569 -6.27 -36.36 -16.14
N ARG A 570 -6.15 -35.71 -17.29
CA ARG A 570 -5.01 -35.95 -18.17
C ARG A 570 -3.86 -34.98 -17.90
N VAL A 571 -3.86 -34.36 -16.72
CA VAL A 571 -2.76 -33.49 -16.34
C VAL A 571 -1.45 -34.28 -16.36
N SER A 572 -0.40 -33.65 -16.88
CA SER A 572 0.91 -34.27 -16.92
C SER A 572 1.29 -34.75 -15.54
N SER A 573 1.75 -35.99 -15.43
CA SER A 573 2.15 -36.51 -14.13
C SER A 573 3.50 -35.92 -13.73
N HIS A 574 4.12 -35.19 -14.65
CA HIS A 574 5.39 -34.56 -14.37
C HIS A 574 5.45 -33.09 -14.80
N LEU A 575 6.08 -32.27 -13.97
CA LEU A 575 6.49 -30.94 -14.37
C LEU A 575 8.00 -31.01 -14.51
N ASN A 576 8.52 -30.55 -15.64
CA ASN A 576 9.95 -30.56 -15.87
C ASN A 576 10.49 -29.18 -16.21
N SER A 577 11.73 -28.91 -15.80
CA SER A 577 12.40 -27.66 -16.08
C SER A 577 13.83 -27.69 -15.53
N ASN A 578 14.68 -26.85 -16.10
CA ASN A 578 16.03 -26.65 -15.57
C ASN A 578 16.16 -25.23 -15.03
N SER A 579 15.09 -24.46 -15.14
CA SER A 579 15.18 -23.02 -14.90
C SER A 579 14.19 -22.44 -13.89
N VAL A 580 13.02 -23.08 -13.75
CA VAL A 580 12.03 -22.65 -12.78
C VAL A 580 12.64 -22.63 -11.37
N ARG A 581 12.50 -21.50 -10.69
CA ARG A 581 13.08 -21.34 -9.35
C ARG A 581 11.98 -21.14 -8.32
N PHE A 582 10.84 -20.62 -8.78
CA PHE A 582 9.66 -20.42 -7.92
C PHE A 582 8.42 -20.98 -8.60
N LEU A 583 7.73 -21.88 -7.93
CA LEU A 583 6.49 -22.40 -8.47
C LEU A 583 5.38 -22.22 -7.46
N ASP A 584 4.36 -21.44 -7.83
CA ASP A 584 3.17 -21.34 -7.00
C ASP A 584 2.15 -22.36 -7.48
N PHE A 585 1.92 -23.39 -6.66
CA PHE A 585 0.95 -24.42 -6.97
C PHE A 585 -0.09 -24.51 -5.85
N SER A 586 -0.40 -23.37 -5.23
CA SER A 586 -1.36 -23.33 -4.13
C SER A 586 -2.80 -23.32 -4.63
N GLY A 587 -3.71 -23.81 -3.79
CA GLY A 587 -5.13 -23.77 -4.11
C GLY A 587 -5.51 -24.82 -5.14
N ASN A 588 -4.66 -25.82 -5.27
CA ASN A 588 -4.96 -26.91 -6.17
C ASN A 588 -5.38 -28.12 -5.34
N GLY A 589 -5.38 -29.31 -5.92
CA GLY A 589 -5.83 -30.49 -5.21
C GLY A 589 -4.72 -31.50 -5.00
N MET A 590 -3.59 -31.06 -4.44
CA MET A 590 -2.43 -31.94 -4.29
C MET A 590 -2.73 -33.06 -3.30
N GLY A 591 -3.71 -32.84 -2.44
CA GLY A 591 -4.17 -33.87 -1.53
C GLY A 591 -4.83 -35.02 -2.27
N ARG A 592 -5.71 -34.69 -3.21
CA ARG A 592 -6.37 -35.71 -4.03
C ARG A 592 -5.38 -36.34 -4.99
N MET A 593 -4.47 -35.52 -5.52
CA MET A 593 -3.47 -36.00 -6.47
C MET A 593 -2.52 -37.02 -5.83
N TRP A 594 -1.97 -36.69 -4.66
CA TRP A 594 -1.04 -37.57 -3.97
C TRP A 594 -1.74 -38.78 -3.35
N ASP A 595 -3.07 -38.71 -3.25
CA ASP A 595 -3.87 -39.85 -2.83
C ASP A 595 -4.01 -40.90 -3.94
N GLU A 596 -3.66 -40.52 -5.17
CA GLU A 596 -3.78 -41.41 -6.32
C GLU A 596 -2.62 -42.42 -6.39
N GLY A 597 -1.86 -42.52 -5.31
CA GLY A 597 -0.76 -43.47 -5.22
C GLY A 597 0.54 -43.02 -5.83
N GLY A 598 1.03 -43.76 -6.82
CA GLY A 598 2.28 -43.44 -7.44
C GLY A 598 2.18 -42.46 -8.61
N LEU A 599 0.96 -42.22 -9.08
CA LEU A 599 0.76 -41.44 -10.32
C LEU A 599 1.37 -40.04 -10.30
N TYR A 600 1.26 -39.35 -9.17
CA TYR A 600 1.80 -37.99 -9.06
C TYR A 600 2.93 -37.88 -8.05
N LEU A 601 3.54 -39.03 -7.74
CA LEU A 601 4.56 -39.12 -6.69
C LEU A 601 5.82 -38.30 -7.01
N HIS A 602 6.02 -38.00 -8.29
CA HIS A 602 7.22 -37.30 -8.73
C HIS A 602 6.84 -36.03 -9.50
N PHE A 603 5.64 -35.52 -9.22
CA PHE A 603 5.07 -34.38 -9.93
C PHE A 603 6.01 -33.19 -10.03
N PHE A 604 6.74 -32.91 -8.95
CA PHE A 604 7.60 -31.73 -8.89
C PHE A 604 9.08 -32.07 -9.05
N GLN A 605 9.40 -33.36 -9.01
CA GLN A 605 10.78 -33.83 -9.05
C GLN A 605 11.56 -33.32 -10.28
N GLY A 606 10.86 -33.20 -11.40
CA GLY A 606 11.49 -32.75 -12.63
C GLY A 606 11.81 -31.27 -12.69
N LEU A 607 11.54 -30.54 -11.61
CA LEU A 607 11.87 -29.11 -11.58
C LEU A 607 13.26 -28.89 -10.97
N SER A 608 14.29 -29.32 -11.69
CA SER A 608 15.68 -29.21 -11.23
C SER A 608 16.05 -27.80 -10.83
N GLY A 609 16.60 -27.67 -9.63
CA GLY A 609 17.03 -26.37 -9.15
C GLY A 609 15.96 -25.52 -8.47
N LEU A 610 14.72 -26.04 -8.44
CA LEU A 610 13.62 -25.34 -7.78
C LEU A 610 14.00 -24.88 -6.38
N LEU A 611 13.77 -23.61 -6.08
CA LEU A 611 14.15 -23.05 -4.79
C LEU A 611 12.93 -22.79 -3.91
N LYS A 612 11.80 -22.47 -4.54
CA LYS A 612 10.62 -22.05 -3.81
C LYS A 612 9.37 -22.74 -4.32
N LEU A 613 8.63 -23.34 -3.40
CA LEU A 613 7.46 -24.11 -3.75
C LEU A 613 6.31 -23.76 -2.80
N ASP A 614 5.19 -23.33 -3.37
CA ASP A 614 4.03 -22.99 -2.57
C ASP A 614 2.94 -24.04 -2.75
N LEU A 615 2.69 -24.81 -1.70
CA LEU A 615 1.64 -25.82 -1.68
C LEU A 615 0.52 -25.47 -0.69
N SER A 616 0.30 -24.17 -0.48
CA SER A 616 -0.78 -23.70 0.37
C SER A 616 -2.13 -24.17 -0.14
N GLN A 617 -3.08 -24.35 0.77
CA GLN A 617 -4.47 -24.59 0.41
C GLN A 617 -4.66 -25.71 -0.62
N ASN A 618 -3.95 -26.82 -0.42
CA ASN A 618 -4.07 -27.96 -1.30
C ASN A 618 -4.80 -29.15 -0.67
N ASN A 619 -5.48 -28.92 0.44
CA ASN A 619 -6.23 -29.97 1.15
C ASN A 619 -5.36 -31.17 1.54
N LEU A 620 -4.14 -30.88 1.98
CA LEU A 620 -3.21 -31.91 2.47
C LEU A 620 -3.56 -32.34 3.90
N HIS A 621 -3.81 -33.64 4.09
CA HIS A 621 -4.08 -34.18 5.41
C HIS A 621 -2.89 -35.00 5.94
N ILE A 622 -2.09 -35.53 5.02
CA ILE A 622 -0.80 -36.12 5.37
C ILE A 622 0.30 -35.73 4.39
N LEU A 623 1.54 -35.80 4.87
CA LEU A 623 2.72 -35.59 4.05
C LEU A 623 3.68 -36.75 4.29
N ARG A 624 3.48 -37.85 3.57
CA ARG A 624 4.38 -39.00 3.64
C ARG A 624 5.80 -38.57 3.30
N PRO A 625 6.79 -39.26 3.90
CA PRO A 625 8.21 -39.00 3.64
C PRO A 625 8.59 -39.22 2.17
N GLN A 626 7.89 -40.11 1.47
CA GLN A 626 8.17 -40.35 0.06
C GLN A 626 7.91 -39.11 -0.79
N ASN A 627 6.83 -38.39 -0.47
CA ASN A 627 6.45 -37.21 -1.24
C ASN A 627 7.43 -36.06 -1.03
N LEU A 628 7.97 -35.98 0.18
CA LEU A 628 8.98 -34.98 0.52
C LEU A 628 10.30 -35.33 -0.17
N ASP A 629 10.70 -36.60 -0.05
CA ASP A 629 11.94 -37.08 -0.63
C ASP A 629 11.96 -36.89 -2.15
N ASN A 630 10.79 -36.88 -2.78
CA ASN A 630 10.70 -36.75 -4.22
C ASN A 630 10.38 -35.34 -4.71
N LEU A 631 10.47 -34.37 -3.82
CA LEU A 631 10.52 -32.97 -4.19
C LEU A 631 11.98 -32.68 -4.56
N PRO A 632 12.23 -31.64 -5.38
CA PRO A 632 13.61 -31.37 -5.79
C PRO A 632 14.50 -31.04 -4.59
N LYS A 633 15.69 -31.65 -4.54
CA LYS A 633 16.58 -31.52 -3.39
C LYS A 633 17.12 -30.10 -3.19
N SER A 634 16.81 -29.21 -4.14
CA SER A 634 17.30 -27.84 -4.08
C SER A 634 16.44 -26.90 -3.24
N LEU A 635 15.23 -27.34 -2.91
CA LEU A 635 14.26 -26.53 -2.15
C LEU A 635 14.84 -25.83 -0.92
N LYS A 636 14.64 -24.52 -0.85
CA LYS A 636 15.00 -23.76 0.34
C LYS A 636 13.73 -23.27 1.03
N LEU A 637 12.65 -23.20 0.25
CA LEU A 637 11.39 -22.69 0.78
C LEU A 637 10.23 -23.58 0.38
N LEU A 638 9.45 -23.95 1.38
CA LEU A 638 8.26 -24.76 1.17
C LEU A 638 7.14 -24.21 2.05
N SER A 639 5.99 -23.93 1.44
CA SER A 639 4.84 -23.47 2.19
C SER A 639 3.71 -24.48 2.14
N LEU A 640 3.31 -24.99 3.31
CA LEU A 640 2.15 -25.86 3.43
C LEU A 640 1.04 -25.14 4.21
N ARG A 641 1.02 -23.81 4.10
CA ARG A 641 0.06 -22.98 4.81
C ARG A 641 -1.39 -23.32 4.47
N ASP A 642 -2.23 -23.35 5.50
CA ASP A 642 -3.66 -23.59 5.34
C ASP A 642 -4.02 -24.94 4.72
N ASN A 643 -3.27 -25.97 5.08
CA ASN A 643 -3.72 -27.33 4.83
C ASN A 643 -4.24 -27.97 6.12
N TYR A 644 -4.54 -29.25 6.07
CA TYR A 644 -5.09 -29.96 7.22
C TYR A 644 -4.08 -30.94 7.78
N LEU A 645 -2.83 -30.52 7.92
CA LEU A 645 -1.84 -31.40 8.52
C LEU A 645 -2.08 -31.52 10.03
N SER A 646 -2.44 -32.73 10.44
CA SER A 646 -2.77 -33.01 11.83
C SER A 646 -1.53 -33.55 12.54
N PHE A 647 -0.79 -34.40 11.83
CA PHE A 647 0.43 -35.00 12.35
C PHE A 647 1.56 -34.86 11.34
N PHE A 648 2.79 -34.79 11.84
CA PHE A 648 3.95 -34.62 10.97
C PHE A 648 5.27 -34.93 11.67
N ASN A 649 6.01 -35.90 11.12
CA ASN A 649 7.30 -36.28 11.70
C ASN A 649 8.42 -35.32 11.25
N TRP A 650 8.92 -34.54 12.21
CA TRP A 650 9.87 -33.48 11.93
C TRP A 650 11.27 -33.96 11.53
N THR A 651 11.57 -35.20 11.83
CA THR A 651 12.85 -35.78 11.44
C THR A 651 12.84 -36.04 9.94
N SER A 652 11.64 -36.12 9.37
CA SER A 652 11.50 -36.35 7.93
C SER A 652 11.94 -35.13 7.11
N LEU A 653 12.20 -34.02 7.80
CA LEU A 653 12.76 -32.82 7.18
C LEU A 653 14.16 -33.11 6.64
N SER A 654 14.74 -34.23 7.08
CA SER A 654 16.04 -34.68 6.58
C SER A 654 16.00 -34.92 5.07
N PHE A 655 14.79 -35.15 4.55
CA PHE A 655 14.58 -35.42 3.13
C PHE A 655 14.55 -34.13 2.32
N LEU A 656 14.73 -33.01 3.02
CA LEU A 656 14.84 -31.70 2.39
C LEU A 656 16.06 -31.00 2.96
N PRO A 657 17.27 -31.42 2.52
CA PRO A 657 18.54 -30.99 3.11
C PRO A 657 18.80 -29.48 3.03
N ASN A 658 18.36 -28.83 1.95
CA ASN A 658 18.62 -27.40 1.79
C ASN A 658 17.49 -26.49 2.27
N LEU A 659 16.52 -27.06 2.97
CA LEU A 659 15.37 -26.30 3.45
C LEU A 659 15.76 -25.23 4.48
N GLU A 660 15.44 -23.98 4.18
CA GLU A 660 15.76 -22.86 5.06
C GLU A 660 14.49 -22.26 5.63
N VAL A 661 13.44 -22.23 4.80
CA VAL A 661 12.17 -21.64 5.21
C VAL A 661 11.03 -22.64 5.08
N LEU A 662 10.31 -22.86 6.18
CA LEU A 662 9.18 -23.79 6.20
C LEU A 662 7.94 -23.12 6.80
N ASP A 663 6.84 -23.12 6.05
CA ASP A 663 5.60 -22.50 6.53
C ASP A 663 4.48 -23.52 6.72
N LEU A 664 4.14 -23.78 7.98
CA LEU A 664 3.11 -24.75 8.34
C LEU A 664 1.92 -24.12 9.09
N ALA A 665 1.77 -22.81 8.98
CA ALA A 665 0.65 -22.09 9.59
C ALA A 665 -0.71 -22.49 9.00
N GLY A 666 -1.77 -22.33 9.80
CA GLY A 666 -3.12 -22.63 9.34
C GLY A 666 -3.42 -24.11 9.21
N ASN A 667 -2.56 -24.94 9.81
CA ASN A 667 -2.83 -26.37 9.89
C ASN A 667 -3.35 -26.72 11.28
N GLN A 668 -3.43 -28.02 11.57
CA GLN A 668 -3.86 -28.45 12.89
C GLN A 668 -2.84 -29.40 13.52
N LEU A 669 -1.60 -28.92 13.61
CA LEU A 669 -0.60 -29.56 14.43
C LEU A 669 -1.00 -29.30 15.87
N LYS A 670 -1.62 -30.30 16.50
CA LYS A 670 -2.14 -30.13 17.85
C LYS A 670 -1.00 -29.99 18.86
N ALA A 671 0.19 -30.38 18.44
CA ALA A 671 1.38 -30.32 19.29
C ALA A 671 2.65 -30.48 18.47
N LEU A 672 3.80 -30.20 19.10
CA LEU A 672 5.11 -30.37 18.46
C LEU A 672 5.85 -31.49 19.17
N THR A 673 5.32 -32.70 19.06
CA THR A 673 5.82 -33.86 19.80
C THR A 673 6.54 -34.84 18.88
N GLN A 674 5.84 -35.20 17.82
CA GLN A 674 6.23 -36.25 16.90
C GLN A 674 7.57 -35.96 16.24
N GLY A 675 8.63 -36.56 16.77
CA GLY A 675 9.98 -36.27 16.32
C GLY A 675 10.48 -34.92 16.80
N THR A 676 11.62 -34.49 16.27
CA THR A 676 12.21 -33.20 16.61
C THR A 676 12.78 -32.59 15.33
N LEU A 677 13.28 -31.37 15.42
CA LEU A 677 14.03 -30.80 14.30
C LEU A 677 15.38 -31.53 14.22
N PRO A 678 15.66 -32.14 13.06
CA PRO A 678 16.77 -33.09 12.95
C PRO A 678 18.13 -32.44 12.70
N ASN A 679 19.18 -33.14 13.10
CA ASN A 679 20.51 -32.86 12.60
C ASN A 679 20.51 -33.22 11.12
N GLY A 680 21.14 -32.40 10.29
CA GLY A 680 21.62 -31.09 10.69
C GLY A 680 20.90 -30.10 9.78
N THR A 681 19.60 -29.98 10.00
CA THR A 681 18.74 -29.13 9.18
C THR A 681 19.29 -27.71 9.08
N LEU A 682 19.11 -27.09 7.91
CA LEU A 682 19.56 -25.72 7.71
C LEU A 682 18.38 -24.75 7.88
N LEU A 683 17.34 -25.22 8.55
CA LEU A 683 16.12 -24.45 8.74
C LEU A 683 16.39 -23.14 9.49
N GLN A 684 15.99 -22.02 8.89
CA GLN A 684 16.22 -20.71 9.48
C GLN A 684 14.94 -20.16 10.11
N LYS A 685 13.84 -20.28 9.38
CA LYS A 685 12.55 -19.79 9.87
C LYS A 685 11.52 -20.90 9.84
N LEU A 686 10.77 -21.00 10.94
CA LEU A 686 9.67 -21.94 11.05
C LEU A 686 8.40 -21.20 11.44
N ASP A 687 7.40 -21.20 10.56
CA ASP A 687 6.11 -20.60 10.88
C ASP A 687 5.13 -21.71 11.19
N VAL A 688 4.66 -21.73 12.44
CA VAL A 688 3.73 -22.76 12.88
C VAL A 688 2.57 -22.10 13.65
N SER A 689 2.32 -20.83 13.29
CA SER A 689 1.21 -20.06 13.84
C SER A 689 -0.15 -20.62 13.44
N SER A 690 -1.18 -20.33 14.24
CA SER A 690 -2.55 -20.79 13.99
C SER A 690 -2.69 -22.30 13.85
N ASN A 691 -1.80 -23.02 14.53
CA ASN A 691 -2.01 -24.43 14.79
C ASN A 691 -2.45 -24.54 16.24
N SER A 692 -3.23 -25.56 16.59
CA SER A 692 -3.67 -25.68 17.96
C SER A 692 -2.59 -26.37 18.81
N ILE A 693 -1.39 -25.82 18.81
CA ILE A 693 -0.28 -26.41 19.54
C ILE A 693 -0.45 -26.27 21.06
N VAL A 694 -0.63 -27.40 21.72
CA VAL A 694 -0.95 -27.42 23.15
C VAL A 694 0.27 -27.86 23.95
N SER A 695 1.28 -28.38 23.25
CA SER A 695 2.48 -28.90 23.92
C SER A 695 3.66 -29.03 22.97
N VAL A 696 4.86 -28.84 23.52
CA VAL A 696 6.10 -29.00 22.78
C VAL A 696 7.04 -29.88 23.60
N VAL A 697 7.56 -30.94 22.99
CA VAL A 697 8.54 -31.77 23.66
C VAL A 697 9.85 -31.02 23.82
N PRO A 698 10.47 -31.10 25.00
CA PRO A 698 11.79 -30.52 25.22
C PRO A 698 12.82 -30.86 24.14
N ALA A 699 13.79 -29.97 23.94
CA ALA A 699 14.84 -30.11 22.92
C ALA A 699 14.34 -30.14 21.47
N PHE A 700 13.08 -29.80 21.27
CA PHE A 700 12.45 -29.86 19.96
C PHE A 700 13.21 -29.04 18.94
N PHE A 701 13.53 -27.80 19.31
CA PHE A 701 14.23 -26.87 18.43
C PHE A 701 15.76 -26.96 18.58
N ALA A 702 16.21 -27.76 19.53
CA ALA A 702 17.62 -27.77 19.93
C ALA A 702 18.65 -28.01 18.81
N LEU A 703 18.29 -28.85 17.84
CA LEU A 703 19.25 -29.24 16.81
C LEU A 703 19.31 -28.29 15.60
N ALA A 704 18.29 -27.46 15.42
CA ALA A 704 18.29 -26.51 14.32
C ALA A 704 19.30 -25.38 14.58
N VAL A 705 20.56 -25.65 14.26
CA VAL A 705 21.68 -24.73 14.48
C VAL A 705 21.41 -23.34 13.92
N GLU A 706 20.78 -23.30 12.75
CA GLU A 706 20.60 -22.08 11.98
C GLU A 706 19.29 -21.35 12.28
N LEU A 707 18.50 -21.90 13.19
CA LEU A 707 17.19 -21.33 13.51
C LEU A 707 17.29 -19.87 13.99
N LYS A 708 16.45 -19.02 13.44
CA LYS A 708 16.50 -17.59 13.73
C LYS A 708 15.10 -17.04 13.99
N GLU A 709 14.12 -17.51 13.22
CA GLU A 709 12.75 -17.07 13.39
C GLU A 709 11.80 -18.23 13.66
N VAL A 710 10.98 -18.11 14.69
CA VAL A 710 9.93 -19.11 14.96
C VAL A 710 8.64 -18.43 15.44
N ASN A 711 7.53 -18.74 14.78
CA ASN A 711 6.24 -18.13 15.10
C ASN A 711 5.29 -19.13 15.74
N LEU A 712 5.03 -18.96 17.04
CA LEU A 712 4.16 -19.84 17.79
C LEU A 712 2.81 -19.18 18.07
N SER A 713 2.58 -18.02 17.45
CA SER A 713 1.40 -17.22 17.77
C SER A 713 0.11 -17.93 17.38
N HIS A 714 -0.97 -17.58 18.07
CA HIS A 714 -2.29 -18.18 17.83
C HIS A 714 -2.34 -19.70 18.01
N ASN A 715 -1.46 -20.22 18.86
CA ASN A 715 -1.56 -21.61 19.30
C ASN A 715 -2.27 -21.66 20.65
N ILE A 716 -2.39 -22.84 21.25
CA ILE A 716 -3.04 -22.96 22.56
C ILE A 716 -2.01 -23.32 23.62
N LEU A 717 -0.90 -22.59 23.63
CA LEU A 717 0.12 -22.79 24.65
C LEU A 717 -0.28 -22.11 25.96
N LYS A 718 -0.06 -22.80 27.07
CA LYS A 718 -0.35 -22.27 28.40
C LYS A 718 0.91 -21.62 28.93
N THR A 719 2.05 -22.17 28.52
CA THR A 719 3.34 -21.59 28.83
C THR A 719 4.17 -21.55 27.55
N VAL A 720 5.37 -21.00 27.65
CA VAL A 720 6.41 -21.21 26.66
C VAL A 720 7.65 -21.49 27.47
N ASP A 721 8.21 -22.69 27.29
CA ASP A 721 9.29 -23.15 28.15
C ASP A 721 10.64 -23.02 27.47
N ARG A 722 11.65 -22.76 28.29
CA ARG A 722 13.03 -22.75 27.85
C ARG A 722 13.46 -24.12 27.35
N SER A 723 12.94 -25.17 28.00
CA SER A 723 13.32 -26.54 27.68
C SER A 723 13.04 -26.92 26.22
N TRP A 724 12.13 -26.17 25.58
CA TRP A 724 11.80 -26.41 24.17
C TRP A 724 12.99 -26.06 23.28
N PHE A 725 13.83 -25.16 23.75
CA PHE A 725 14.86 -24.55 22.91
C PHE A 725 16.28 -24.94 23.29
N GLY A 726 16.66 -24.68 24.54
CA GLY A 726 18.06 -24.82 24.93
C GLY A 726 18.79 -23.53 24.60
N PRO A 727 20.06 -23.64 24.17
CA PRO A 727 20.91 -22.49 23.85
C PRO A 727 20.47 -21.75 22.58
N ILE A 728 19.72 -22.42 21.71
CA ILE A 728 19.23 -21.82 20.46
C ILE A 728 18.38 -20.56 20.72
N VAL A 729 17.66 -20.56 21.82
CA VAL A 729 16.74 -19.46 22.14
C VAL A 729 17.41 -18.07 22.14
N MET A 730 18.74 -18.03 22.30
CA MET A 730 19.46 -16.77 22.39
C MET A 730 20.10 -16.30 21.07
N GLN A 731 19.88 -17.05 20.00
CA GLN A 731 20.28 -16.59 18.66
C GLN A 731 19.02 -16.30 17.84
N LEU A 732 17.87 -16.59 18.43
CA LEU A 732 16.58 -16.29 17.81
C LEU A 732 16.47 -14.79 17.57
N THR A 733 16.02 -14.41 16.37
CA THR A 733 15.81 -12.99 16.05
C THR A 733 14.35 -12.62 16.24
N VAL A 734 13.46 -13.57 16.00
CA VAL A 734 12.07 -13.43 16.41
C VAL A 734 11.59 -14.66 17.19
N LEU A 735 10.73 -14.42 18.19
CA LEU A 735 10.05 -15.48 18.91
C LEU A 735 8.65 -14.97 19.22
N ASP A 736 7.71 -15.24 18.32
CA ASP A 736 6.35 -14.74 18.44
C ASP A 736 5.49 -15.72 19.23
N VAL A 737 4.88 -15.23 20.30
CA VAL A 737 4.06 -16.06 21.18
C VAL A 737 2.70 -15.41 21.48
N ARG A 738 2.33 -14.42 20.68
CA ARG A 738 1.07 -13.70 20.88
C ARG A 738 -0.16 -14.61 20.70
N SER A 739 -1.30 -14.15 21.19
CA SER A 739 -2.56 -14.90 21.08
C SER A 739 -2.48 -16.37 21.49
N ASN A 740 -1.68 -16.66 22.52
CA ASN A 740 -1.78 -17.93 23.21
C ASN A 740 -2.47 -17.68 24.55
N PRO A 741 -3.48 -18.50 24.87
CA PRO A 741 -4.11 -18.37 26.19
C PRO A 741 -3.14 -18.75 27.31
N LEU A 742 -2.15 -17.90 27.55
CA LEU A 742 -1.16 -18.15 28.60
C LEU A 742 -1.82 -18.20 29.98
N HIS A 743 -1.36 -19.12 30.82
CA HIS A 743 -1.87 -19.24 32.17
C HIS A 743 -1.05 -18.38 33.13
N CYS A 744 -1.64 -17.30 33.60
CA CYS A 744 -0.88 -16.32 34.38
C CYS A 744 -1.04 -16.44 35.89
N ALA A 745 -0.58 -17.56 36.44
CA ALA A 745 -0.50 -17.71 37.89
C ALA A 745 0.60 -16.82 38.43
N CYS A 746 0.60 -16.63 39.75
CA CYS A 746 1.60 -15.79 40.41
C CYS A 746 2.95 -16.49 40.40
N GLY A 747 2.99 -17.74 39.96
CA GLY A 747 4.24 -18.46 39.88
C GLY A 747 4.85 -18.46 38.48
N ALA A 748 4.01 -18.36 37.46
CA ALA A 748 4.39 -18.51 36.04
C ALA A 748 5.85 -18.25 35.65
N ALA A 749 6.47 -19.24 35.00
CA ALA A 749 7.90 -19.21 34.71
C ALA A 749 8.24 -18.69 33.32
N PHE A 750 7.24 -18.63 32.44
CA PHE A 750 7.45 -18.13 31.09
C PHE A 750 7.84 -16.65 31.07
N VAL A 751 7.36 -15.92 32.07
CA VAL A 751 7.59 -14.49 32.18
C VAL A 751 9.08 -14.18 32.20
N ASP A 752 9.83 -14.96 32.98
CA ASP A 752 11.29 -14.78 33.08
C ASP A 752 12.01 -15.18 31.77
N LEU A 753 11.43 -16.11 31.02
CA LEU A 753 11.99 -16.49 29.73
C LEU A 753 11.78 -15.39 28.68
N LEU A 754 10.55 -14.88 28.61
CA LEU A 754 10.21 -13.86 27.64
C LEU A 754 11.00 -12.58 27.85
N LEU A 755 11.17 -12.19 29.11
CA LEU A 755 11.92 -10.98 29.48
C LEU A 755 13.39 -11.10 29.07
N GLU A 756 13.91 -12.31 29.08
CA GLU A 756 15.29 -12.55 28.67
C GLU A 756 15.48 -12.27 27.18
N VAL A 757 14.45 -12.54 26.40
CA VAL A 757 14.50 -12.36 24.95
C VAL A 757 13.54 -11.26 24.47
N GLN A 758 13.28 -10.31 25.36
CA GLN A 758 12.33 -9.22 25.13
C GLN A 758 12.59 -8.45 23.84
N THR A 759 13.87 -8.19 23.56
CA THR A 759 14.28 -7.47 22.36
C THR A 759 13.88 -8.21 21.09
N LYS A 760 13.61 -9.51 21.24
CA LYS A 760 13.37 -10.35 20.07
C LYS A 760 11.98 -10.99 20.08
N VAL A 761 11.11 -10.54 20.99
CA VAL A 761 9.70 -10.95 20.96
C VAL A 761 8.77 -9.76 20.68
N PRO A 762 8.06 -9.82 19.54
CA PRO A 762 7.15 -8.78 19.05
C PRO A 762 5.95 -8.58 19.96
N GLY A 763 5.62 -7.32 20.27
CA GLY A 763 4.45 -6.99 21.06
C GLY A 763 4.46 -7.58 22.46
N LEU A 764 5.65 -7.68 23.06
CA LEU A 764 5.76 -8.26 24.39
C LEU A 764 5.07 -7.39 25.43
N ALA A 765 5.33 -6.09 25.35
CA ALA A 765 4.88 -5.13 26.36
C ALA A 765 3.39 -5.21 26.68
N ASN A 766 2.56 -5.41 25.66
CA ASN A 766 1.11 -5.47 25.89
C ASN A 766 0.35 -6.43 24.96
N GLY A 767 1.00 -6.91 23.90
CA GLY A 767 0.38 -7.85 22.99
C GLY A 767 0.35 -9.29 23.48
N VAL A 768 1.24 -9.65 24.40
CA VAL A 768 1.26 -11.01 24.96
C VAL A 768 0.30 -11.15 26.15
N LYS A 769 -0.87 -11.75 25.89
CA LYS A 769 -1.98 -11.75 26.84
C LYS A 769 -2.12 -13.07 27.64
N CYS A 770 -2.92 -13.01 28.70
CA CYS A 770 -3.24 -14.19 29.50
C CYS A 770 -4.57 -14.80 29.08
N GLY A 771 -4.64 -16.13 29.12
CA GLY A 771 -5.88 -16.84 28.86
C GLY A 771 -6.54 -17.26 30.17
N SER A 772 -5.72 -17.42 31.21
CA SER A 772 -6.18 -17.72 32.55
C SER A 772 -5.15 -17.16 33.53
N PRO A 773 -5.56 -16.91 34.80
CA PRO A 773 -6.85 -16.99 35.48
C PRO A 773 -7.96 -16.12 34.87
N GLY A 774 -9.18 -16.34 35.34
CA GLY A 774 -10.36 -15.69 34.80
C GLY A 774 -10.38 -14.18 34.84
N GLN A 775 -9.71 -13.59 35.83
CA GLN A 775 -9.72 -12.15 36.01
C GLN A 775 -8.64 -11.47 35.16
N LEU A 776 -7.69 -12.27 34.74
CA LEU A 776 -6.52 -11.82 34.01
C LEU A 776 -6.69 -12.19 32.55
N GLN A 777 -7.78 -12.87 32.23
CA GLN A 777 -8.06 -13.32 30.86
C GLN A 777 -8.35 -12.16 29.93
N GLY A 778 -7.66 -12.12 28.79
CA GLY A 778 -7.81 -11.05 27.84
C GLY A 778 -6.89 -9.90 28.16
N ARG A 779 -6.16 -10.02 29.27
CA ARG A 779 -5.26 -8.96 29.69
C ARG A 779 -3.79 -9.34 29.63
N SER A 780 -2.93 -8.32 29.53
CA SER A 780 -1.48 -8.50 29.43
C SER A 780 -0.90 -9.29 30.58
N ILE A 781 0.22 -9.96 30.32
CA ILE A 781 0.95 -10.70 31.35
C ILE A 781 1.67 -9.74 32.30
N PHE A 782 1.38 -8.45 32.13
CA PHE A 782 1.86 -7.41 33.03
C PHE A 782 0.69 -6.60 33.63
N ALA A 783 -0.53 -7.01 33.33
CA ALA A 783 -1.72 -6.40 33.93
C ALA A 783 -1.64 -6.53 35.44
N GLN A 784 -1.00 -7.61 35.86
CA GLN A 784 -0.52 -7.77 37.22
C GLN A 784 0.90 -8.26 37.11
N ASP A 785 1.76 -7.91 38.08
CA ASP A 785 3.09 -8.49 38.13
C ASP A 785 2.96 -9.96 38.49
N LEU A 786 3.53 -10.83 37.67
CA LEU A 786 3.42 -12.27 37.87
C LEU A 786 4.60 -12.83 38.65
N ARG A 787 5.59 -11.98 38.93
CA ARG A 787 6.83 -12.46 39.54
C ARG A 787 6.80 -12.30 41.06
N LEU A 788 5.64 -11.95 41.60
CA LEU A 788 5.49 -11.70 43.03
C LEU A 788 5.40 -12.97 43.87
N CYS A 789 5.29 -14.12 43.21
CA CYS A 789 5.32 -15.41 43.90
C CYS A 789 6.35 -16.32 43.24
C1 NAG C . 3.14 -14.50 13.14
C2 NAG C . 3.39 -13.18 12.39
C3 NAG C . 2.15 -12.30 12.37
C4 NAG C . 0.92 -13.09 11.92
C5 NAG C . 0.76 -14.38 12.73
C6 NAG C . -0.36 -15.25 12.16
C7 NAG C . 5.68 -12.33 12.56
C8 NAG C . 6.78 -11.99 13.53
N2 NAG C . 4.45 -12.44 13.05
O3 NAG C . 2.35 -11.22 11.50
O4 NAG C . -0.22 -12.28 12.12
O5 NAG C . 1.95 -15.16 12.73
O6 NAG C . -1.47 -14.46 11.83
O7 NAG C . 5.94 -12.50 11.36
C1 NAG D . 4.23 31.78 -25.36
C2 NAG D . 2.90 32.40 -25.74
C3 NAG D . 3.04 33.32 -26.96
C4 NAG D . 4.12 34.35 -26.70
C5 NAG D . 5.43 33.68 -26.27
C6 NAG D . 6.44 34.74 -25.85
C7 NAG D . 0.75 31.40 -25.28
C8 NAG D . -0.44 30.77 -25.93
N2 NAG D . 1.89 31.38 -25.96
O3 NAG D . 1.80 33.97 -27.16
O4 NAG D . 4.34 35.14 -27.86
O5 NAG D . 5.23 32.78 -25.19
O6 NAG D . 7.52 34.15 -25.14
O7 NAG D . 0.66 31.92 -24.17
S SO4 E . 16.45 4.27 -28.87
O1 SO4 E . 16.19 3.56 -27.62
O2 SO4 E . 15.41 3.93 -29.84
O3 SO4 E . 16.41 5.71 -28.64
O4 SO4 E . 17.75 3.88 -29.40
S SO4 F . -18.07 19.66 -0.83
O1 SO4 F . -18.09 19.41 0.61
O2 SO4 F . -19.40 19.43 -1.39
O3 SO4 F . -17.65 21.05 -1.07
O4 SO4 F . -17.12 18.76 -1.46
S SO4 G . 1.52 18.78 2.07
O1 SO4 G . 2.69 18.78 2.92
O2 SO4 G . 0.59 17.75 2.52
O3 SO4 G . 0.86 20.08 2.12
O4 SO4 G . 1.92 18.52 0.69
#